data_9QGE
#
_entry.id   9QGE
#
_cell.length_a   55.4
_cell.length_b   68.16
_cell.length_c   91.63
_cell.angle_alpha   90
_cell.angle_beta   94.07
_cell.angle_gamma   90
#
_symmetry.space_group_name_H-M   'P 1 21 1'
#
loop_
_entity.id
_entity.type
_entity.pdbx_description
1 polymer 'All1865 protein'
2 non-polymer 'FLAVIN MONONUCLEOTIDE'
3 non-polymer 1,2-ETHANEDIOL
4 non-polymer 'CHLORIDE ION'
5 non-polymer 'SODIUM ION'
6 water water
#
_entity_poly.entity_id   1
_entity_poly.type   'polypeptide(L)'
_entity_poly.pdbx_seq_one_letter_code
;MGHHHHHHGSGSTNINLFSSYQLGELELPNRIVMAPLTRSRAGEGNVPHQLNAIYYGQRASAGLIIAEATQVTPQGQGYP
HTPGIHSPEQVAGWKLVTDTVHQQGGRIFLQLWHVGRISHPDLQPDGGLPVAPSAIAPKGEVLTYEGKKPYVTPRALDTS
EIPAIVEQYRQGAANALAAGFDGVEIHAANGYLIDQFLRDGTNQRTDEYGGAIENRARLLLEVTEAITSVWDSQRVGVRL
SPLTTLNGCVDSHPLETFGYVAQALNRFNLSYLHIFEAIDADIRHGGTVVPTSHLRDRFTGTLIVNGGYTREKGDTVIAN
KAADLVAFGTLFISNPDLPERLEVNAPLNQAKPTTFYGGGEKGYTDYPFLAVANK
;
_entity_poly.pdbx_strand_id   A,B
#
loop_
_chem_comp.id
_chem_comp.type
_chem_comp.name
_chem_comp.formula
CL non-polymer 'CHLORIDE ION' 'Cl -1'
EDO non-polymer 1,2-ETHANEDIOL 'C2 H6 O2'
FMN non-polymer 'FLAVIN MONONUCLEOTIDE' 'C17 H21 N4 O9 P'
NA non-polymer 'SODIUM ION' 'Na 1'
#
# COMPACT_ATOMS: atom_id res chain seq x y z
N ASN A 14 -17.33 -3.11 16.65
CA ASN A 14 -16.87 -2.03 17.56
C ASN A 14 -15.53 -2.40 18.18
N ILE A 15 -14.47 -1.79 17.66
CA ILE A 15 -13.16 -2.06 18.21
C ILE A 15 -12.65 -0.82 18.94
N ASN A 16 -11.86 -1.04 20.00
CA ASN A 16 -11.29 0.06 20.76
C ASN A 16 -9.96 -0.40 21.34
N LEU A 17 -9.43 0.40 22.28
N LEU A 17 -9.36 0.42 22.23
CA LEU A 17 -8.12 0.18 22.85
CA LEU A 17 -8.06 0.09 22.82
C LEU A 17 -8.06 -1.09 23.70
C LEU A 17 -8.05 -1.26 23.52
N PHE A 18 -9.24 -1.71 23.99
CA PHE A 18 -9.35 -2.92 24.78
C PHE A 18 -9.71 -4.16 23.96
N SER A 19 -9.84 -4.01 22.63
CA SER A 19 -10.12 -5.16 21.77
C SER A 19 -8.90 -6.07 21.68
N SER A 20 -9.14 -7.38 21.66
CA SER A 20 -8.01 -8.28 21.41
C SER A 20 -7.49 -8.11 19.97
N TYR A 21 -6.32 -8.71 19.75
CA TYR A 21 -5.71 -8.59 18.43
C TYR A 21 -4.91 -9.85 18.15
N GLN A 22 -4.88 -10.28 16.87
CA GLN A 22 -4.04 -11.39 16.42
C GLN A 22 -2.79 -10.84 15.73
N LEU A 23 -1.63 -10.93 16.39
CA LEU A 23 -0.35 -10.52 15.80
C LEU A 23 0.45 -11.76 15.41
N GLY A 24 0.22 -12.23 14.18
CA GLY A 24 0.80 -13.51 13.79
C GLY A 24 0.18 -14.64 14.62
N GLU A 25 1.01 -15.42 15.32
CA GLU A 25 0.54 -16.48 16.19
C GLU A 25 0.26 -15.97 17.61
N LEU A 26 0.57 -14.69 17.89
CA LEU A 26 0.41 -14.17 19.24
C LEU A 26 -1.00 -13.59 19.42
N GLU A 27 -1.63 -13.91 20.54
CA GLU A 27 -2.92 -13.32 20.86
C GLU A 27 -2.68 -12.16 21.83
N LEU A 28 -2.93 -10.93 21.37
CA LEU A 28 -2.81 -9.76 22.25
C LEU A 28 -4.13 -9.52 22.95
N PRO A 29 -4.11 -9.38 24.29
CA PRO A 29 -5.37 -9.17 25.02
C PRO A 29 -5.99 -7.78 24.87
N ASN A 30 -5.19 -6.82 24.36
CA ASN A 30 -5.62 -5.45 24.17
C ASN A 30 -4.74 -4.83 23.08
N ARG A 31 -5.04 -3.57 22.71
CA ARG A 31 -4.31 -2.88 21.65
C ARG A 31 -3.24 -1.95 22.23
N ILE A 32 -2.95 -2.07 23.53
CA ILE A 32 -2.04 -1.17 24.20
C ILE A 32 -0.63 -1.74 24.19
N VAL A 33 0.31 -0.98 23.60
CA VAL A 33 1.70 -1.44 23.53
C VAL A 33 2.53 -0.54 24.46
N MET A 34 3.51 -1.15 25.16
CA MET A 34 4.54 -0.38 25.84
C MET A 34 5.65 -0.05 24.86
N ALA A 35 5.78 1.26 24.60
CA ALA A 35 6.80 1.74 23.68
C ALA A 35 8.18 1.41 24.23
N PRO A 36 9.19 1.25 23.34
CA PRO A 36 10.57 1.08 23.80
C PRO A 36 11.07 2.29 24.56
N LEU A 37 11.70 2.05 25.72
CA LEU A 37 12.15 3.14 26.57
C LEU A 37 13.51 2.83 27.17
N THR A 38 14.52 3.57 26.69
CA THR A 38 15.87 3.52 27.24
C THR A 38 15.82 3.96 28.70
N ARG A 39 16.32 3.10 29.63
CA ARG A 39 16.33 3.43 31.06
C ARG A 39 17.75 3.42 31.63
N SER A 40 18.73 2.91 30.85
CA SER A 40 20.15 2.96 31.20
C SER A 40 20.44 2.35 32.59
N ARG A 41 19.87 1.15 32.84
CA ARG A 41 20.00 0.45 34.11
C ARG A 41 20.56 -0.96 33.89
N ALA A 42 21.51 -1.13 32.95
CA ALA A 42 22.23 -2.39 32.79
C ALA A 42 23.42 -2.46 33.73
N GLY A 43 23.83 -3.69 34.09
CA GLY A 43 24.95 -3.88 35.01
C GLY A 43 26.28 -4.05 34.26
N GLU A 44 27.31 -4.56 34.93
CA GLU A 44 28.60 -4.77 34.30
C GLU A 44 28.45 -5.61 33.02
N GLY A 45 29.22 -5.23 31.97
CA GLY A 45 29.12 -5.94 30.69
C GLY A 45 27.84 -5.62 29.96
N ASN A 46 27.13 -4.56 30.41
CA ASN A 46 25.86 -4.17 29.80
C ASN A 46 24.86 -5.33 29.84
N VAL A 47 24.82 -6.04 30.99
CA VAL A 47 23.99 -7.22 31.15
C VAL A 47 22.74 -6.90 31.97
N PRO A 48 21.52 -7.27 31.52
CA PRO A 48 20.31 -7.11 32.33
C PRO A 48 20.37 -7.96 33.59
N HIS A 49 19.64 -7.51 34.63
CA HIS A 49 19.64 -8.19 35.92
C HIS A 49 18.23 -8.22 36.50
N GLN A 50 18.11 -8.77 37.73
CA GLN A 50 16.79 -9.08 38.28
C GLN A 50 15.88 -7.84 38.37
N LEU A 51 16.48 -6.68 38.70
CA LEU A 51 15.68 -5.46 38.79
C LEU A 51 14.96 -5.18 37.46
N ASN A 52 15.69 -5.35 36.33
CA ASN A 52 15.09 -5.14 35.02
C ASN A 52 13.94 -6.11 34.78
N ALA A 53 14.12 -7.36 35.26
CA ALA A 53 13.04 -8.33 35.10
C ALA A 53 11.78 -7.90 35.86
N ILE A 54 11.97 -7.42 37.10
CA ILE A 54 10.85 -6.90 37.87
C ILE A 54 10.14 -5.78 37.09
N TYR A 55 10.91 -4.81 36.59
CA TYR A 55 10.33 -3.69 35.87
C TYR A 55 9.41 -4.14 34.73
N TYR A 56 9.93 -5.02 33.85
CA TYR A 56 9.10 -5.45 32.73
C TYR A 56 7.96 -6.34 33.23
N GLY A 57 8.21 -7.20 34.23
CA GLY A 57 7.18 -8.07 34.77
C GLY A 57 5.98 -7.26 35.32
N GLN A 58 6.27 -6.09 35.91
CA GLN A 58 5.22 -5.23 36.48
C GLN A 58 4.30 -4.69 35.38
N ARG A 59 4.77 -4.66 34.11
CA ARG A 59 4.05 -4.04 33.01
C ARG A 59 3.50 -5.09 32.03
N ALA A 60 3.50 -6.38 32.45
CA ALA A 60 3.12 -7.49 31.57
C ALA A 60 1.63 -7.49 31.17
N SER A 61 0.78 -6.63 31.76
CA SER A 61 -0.59 -6.48 31.27
C SER A 61 -0.68 -5.76 29.92
N ALA A 62 0.44 -5.16 29.44
CA ALA A 62 0.48 -4.59 28.10
C ALA A 62 0.08 -5.67 27.07
N GLY A 63 -0.71 -5.26 26.08
CA GLY A 63 -0.92 -6.10 24.90
C GLY A 63 0.41 -6.64 24.35
N LEU A 64 1.39 -5.75 24.22
CA LEU A 64 2.74 -6.13 23.83
C LEU A 64 3.69 -5.16 24.53
N ILE A 65 4.80 -5.69 25.08
CA ILE A 65 5.91 -4.85 25.49
C ILE A 65 6.97 -4.80 24.37
N ILE A 66 7.43 -3.58 24.04
N ILE A 66 7.41 -3.58 24.00
CA ILE A 66 8.66 -3.46 23.28
CA ILE A 66 8.65 -3.43 23.27
C ILE A 66 9.77 -3.01 24.21
C ILE A 66 9.73 -3.03 24.25
N ALA A 67 10.74 -3.91 24.44
CA ALA A 67 11.81 -3.59 25.37
C ALA A 67 12.66 -2.44 24.82
N GLU A 68 13.34 -1.75 25.73
CA GLU A 68 14.28 -0.67 25.44
C GLU A 68 15.22 -1.01 24.27
N ALA A 69 15.71 0.05 23.61
CA ALA A 69 16.74 -0.11 22.59
C ALA A 69 17.97 -0.81 23.18
N THR A 70 18.45 -1.82 22.43
CA THR A 70 19.48 -2.73 22.95
C THR A 70 20.54 -2.92 21.86
N GLN A 71 21.78 -2.48 22.13
CA GLN A 71 22.76 -2.49 21.05
C GLN A 71 23.09 -3.93 20.60
N VAL A 72 23.16 -4.13 19.27
CA VAL A 72 23.39 -5.47 18.72
C VAL A 72 24.89 -5.85 18.66
N THR A 73 25.76 -4.89 18.93
CA THR A 73 27.20 -5.05 18.79
C THR A 73 27.89 -3.95 19.63
N PRO A 74 29.12 -4.14 20.13
CA PRO A 74 29.73 -3.10 20.99
C PRO A 74 29.75 -1.71 20.39
N GLN A 75 30.08 -1.59 19.07
CA GLN A 75 30.15 -0.26 18.49
C GLN A 75 28.77 0.39 18.38
N GLY A 76 27.70 -0.40 18.57
CA GLY A 76 26.32 0.13 18.52
C GLY A 76 25.87 0.84 19.80
N GLN A 77 26.72 0.89 20.84
CA GLN A 77 26.39 1.59 22.08
C GLN A 77 26.73 3.08 21.96
N GLY A 78 25.79 3.94 22.42
CA GLY A 78 26.02 5.37 22.43
C GLY A 78 25.77 6.07 23.77
N TYR A 79 25.27 5.35 24.79
CA TYR A 79 25.01 5.94 26.09
C TYR A 79 25.50 4.95 27.15
N PRO A 80 26.04 5.45 28.29
CA PRO A 80 26.43 4.56 29.39
C PRO A 80 25.27 3.70 29.86
N HIS A 81 25.59 2.44 30.11
CA HIS A 81 24.72 1.52 30.86
C HIS A 81 23.43 1.15 30.16
N THR A 82 23.43 1.15 28.81
CA THR A 82 22.34 0.53 28.06
C THR A 82 22.70 -0.95 27.85
N PRO A 83 21.70 -1.86 27.87
CA PRO A 83 21.98 -3.27 27.70
C PRO A 83 22.31 -3.61 26.25
N GLY A 84 23.06 -4.68 26.11
CA GLY A 84 23.36 -5.21 24.78
C GLY A 84 22.69 -6.57 24.54
N ILE A 85 22.83 -7.02 23.28
CA ILE A 85 22.33 -8.34 22.91
C ILE A 85 23.38 -8.99 21.98
N HIS A 86 24.66 -8.81 22.35
CA HIS A 86 25.75 -9.35 21.54
C HIS A 86 26.55 -10.42 22.27
N SER A 87 26.39 -10.57 23.59
CA SER A 87 27.20 -11.53 24.33
C SER A 87 26.38 -12.61 25.01
N PRO A 88 26.94 -13.80 25.34
N PRO A 88 26.98 -13.80 25.23
CA PRO A 88 26.16 -14.83 26.00
CA PRO A 88 26.32 -14.86 25.97
C PRO A 88 25.67 -14.40 27.38
C PRO A 88 25.76 -14.45 27.34
N GLU A 89 26.52 -13.61 28.07
CA GLU A 89 26.12 -13.11 29.38
C GLU A 89 24.89 -12.20 29.25
N GLN A 90 24.84 -11.38 28.18
CA GLN A 90 23.65 -10.58 27.93
C GLN A 90 22.42 -11.43 27.64
N VAL A 91 22.60 -12.51 26.84
CA VAL A 91 21.46 -13.36 26.56
C VAL A 91 20.93 -13.92 27.89
N ALA A 92 21.82 -14.34 28.79
CA ALA A 92 21.37 -14.96 30.04
C ALA A 92 20.59 -13.93 30.88
N GLY A 93 21.12 -12.70 30.94
CA GLY A 93 20.40 -11.67 31.71
C GLY A 93 19.04 -11.34 31.10
N TRP A 94 18.97 -11.25 29.76
CA TRP A 94 17.68 -11.01 29.12
C TRP A 94 16.70 -12.17 29.34
N LYS A 95 17.22 -13.39 29.48
N LYS A 95 17.21 -13.39 29.49
CA LYS A 95 16.40 -14.54 29.77
CA LYS A 95 16.30 -14.50 29.74
C LYS A 95 15.66 -14.35 31.10
C LYS A 95 15.63 -14.36 31.12
N LEU A 96 16.32 -13.75 32.09
CA LEU A 96 15.65 -13.45 33.35
C LEU A 96 14.42 -12.56 33.08
N VAL A 97 14.59 -11.56 32.23
CA VAL A 97 13.47 -10.68 31.89
C VAL A 97 12.34 -11.40 31.14
N THR A 98 12.69 -12.18 30.06
CA THR A 98 11.60 -12.78 29.28
C THR A 98 10.91 -13.87 30.11
N ASP A 99 11.68 -14.56 30.96
CA ASP A 99 11.05 -15.56 31.83
C ASP A 99 10.02 -14.90 32.75
N THR A 100 10.40 -13.77 33.39
CA THR A 100 9.46 -13.08 34.28
C THR A 100 8.22 -12.60 33.50
N VAL A 101 8.45 -11.94 32.36
CA VAL A 101 7.30 -11.47 31.58
C VAL A 101 6.37 -12.63 31.23
N HIS A 102 6.94 -13.78 30.80
CA HIS A 102 6.11 -14.93 30.44
C HIS A 102 5.37 -15.52 31.64
N GLN A 103 6.06 -15.57 32.78
CA GLN A 103 5.41 -16.01 34.01
C GLN A 103 4.20 -15.15 34.34
N GLN A 104 4.28 -13.86 34.03
CA GLN A 104 3.22 -12.91 34.34
C GLN A 104 2.19 -12.86 33.21
N GLY A 105 2.32 -13.73 32.20
CA GLY A 105 1.32 -13.84 31.13
C GLY A 105 1.43 -12.76 30.07
N GLY A 106 2.62 -12.15 29.96
CA GLY A 106 2.88 -11.09 29.00
C GLY A 106 3.61 -11.55 27.74
N ARG A 107 3.80 -10.59 26.83
CA ARG A 107 4.51 -10.82 25.58
C ARG A 107 5.51 -9.68 25.38
N ILE A 108 6.70 -9.99 24.84
CA ILE A 108 7.74 -8.96 24.78
C ILE A 108 8.63 -9.16 23.55
N PHE A 109 8.82 -8.05 22.84
CA PHE A 109 9.76 -7.97 21.72
C PHE A 109 10.99 -7.15 22.15
N LEU A 110 12.16 -7.48 21.60
CA LEU A 110 13.37 -6.70 21.91
C LEU A 110 13.62 -5.69 20.80
N GLN A 111 13.84 -4.42 21.14
CA GLN A 111 14.21 -3.41 20.12
C GLN A 111 15.72 -3.47 19.86
N LEU A 112 16.08 -3.73 18.59
CA LEU A 112 17.47 -3.96 18.18
C LEU A 112 18.08 -2.65 17.73
N TRP A 113 19.21 -2.26 18.33
CA TRP A 113 19.78 -0.93 18.17
C TRP A 113 21.20 -0.96 17.61
N HIS A 114 21.52 0.11 16.87
CA HIS A 114 22.90 0.53 16.67
C HIS A 114 22.86 2.03 16.57
N VAL A 115 23.57 2.73 17.46
CA VAL A 115 23.49 4.20 17.50
C VAL A 115 24.17 4.91 16.33
N GLY A 116 25.03 4.20 15.58
CA GLY A 116 25.80 4.87 14.52
C GLY A 116 26.57 6.08 15.09
N ARG A 117 26.43 7.28 14.51
CA ARG A 117 27.30 8.40 14.90
C ARG A 117 26.98 8.93 16.30
N ILE A 118 25.85 8.52 16.94
CA ILE A 118 25.48 9.12 18.22
C ILE A 118 26.13 8.31 19.33
N SER A 119 27.44 8.57 19.52
CA SER A 119 28.27 7.84 20.46
C SER A 119 29.50 8.68 20.75
N HIS A 120 30.48 8.06 21.43
CA HIS A 120 31.72 8.77 21.73
C HIS A 120 32.80 7.69 21.79
N PRO A 121 34.04 7.98 21.36
CA PRO A 121 35.16 7.05 21.51
C PRO A 121 35.24 6.34 22.86
N ASP A 122 34.90 7.07 23.95
CA ASP A 122 34.99 6.47 25.27
C ASP A 122 34.07 5.25 25.44
N LEU A 123 33.02 5.15 24.59
CA LEU A 123 32.07 4.04 24.64
C LEU A 123 32.40 2.97 23.61
N GLN A 124 33.44 3.19 22.81
CA GLN A 124 33.67 2.35 21.64
C GLN A 124 34.82 1.39 21.93
N PRO A 125 34.86 0.19 21.30
CA PRO A 125 36.00 -0.69 21.46
C PRO A 125 37.30 0.00 21.05
N ASP A 126 38.30 -0.14 21.94
CA ASP A 126 39.64 0.39 21.73
C ASP A 126 39.64 1.91 21.59
N GLY A 127 38.57 2.60 22.03
CA GLY A 127 38.52 4.05 21.86
C GLY A 127 38.46 4.53 20.40
N GLY A 128 37.90 3.67 19.56
CA GLY A 128 37.78 3.94 18.11
C GLY A 128 36.65 4.91 17.81
N LEU A 129 36.53 5.29 16.54
CA LEU A 129 35.47 6.21 16.16
C LEU A 129 34.13 5.48 16.03
N PRO A 130 33.03 6.17 16.44
CA PRO A 130 31.70 5.76 15.98
C PRO A 130 31.64 5.66 14.46
N VAL A 131 30.77 4.75 13.98
CA VAL A 131 30.60 4.59 12.54
C VAL A 131 29.26 5.16 12.07
N ALA A 132 29.19 5.47 10.77
CA ALA A 132 28.04 6.18 10.25
C ALA A 132 28.02 6.05 8.73
N PRO A 133 26.93 6.44 8.04
CA PRO A 133 27.01 6.47 6.58
C PRO A 133 27.97 7.53 6.05
N SER A 134 28.05 8.70 6.73
CA SER A 134 28.87 9.82 6.27
C SER A 134 29.56 10.47 7.47
N ALA A 135 30.72 11.08 7.23
CA ALA A 135 31.53 11.63 8.29
C ALA A 135 30.97 13.01 8.68
N ILE A 136 29.88 13.04 9.48
CA ILE A 136 29.19 14.25 9.89
C ILE A 136 29.07 14.25 11.41
N ALA A 137 29.82 15.13 12.07
CA ALA A 137 29.79 15.14 13.53
C ALA A 137 28.42 15.64 13.98
N PRO A 138 27.77 14.96 14.94
CA PRO A 138 26.64 15.56 15.65
C PRO A 138 27.09 16.83 16.38
N LYS A 139 26.14 17.76 16.59
N LYS A 139 26.14 17.75 16.57
CA LYS A 139 26.45 19.01 17.24
CA LYS A 139 26.38 19.02 17.25
C LYS A 139 26.30 18.88 18.76
C LYS A 139 26.37 18.79 18.77
N GLY A 140 27.23 19.53 19.48
CA GLY A 140 27.19 19.61 20.93
C GLY A 140 27.96 18.50 21.66
N GLU A 141 27.43 18.12 22.82
CA GLU A 141 28.12 17.19 23.71
C GLU A 141 27.32 15.89 23.86
N VAL A 142 28.05 14.85 24.31
CA VAL A 142 27.53 13.51 24.48
C VAL A 142 28.00 12.98 25.85
N LEU A 143 27.14 12.22 26.53
CA LEU A 143 27.51 11.72 27.85
C LEU A 143 28.44 10.51 27.76
N THR A 144 29.52 10.55 28.55
CA THR A 144 30.47 9.47 28.63
C THR A 144 30.50 8.96 30.07
N TYR A 145 31.49 8.14 30.46
CA TYR A 145 31.64 7.73 31.87
C TYR A 145 32.28 8.83 32.69
N GLU A 146 32.80 9.88 32.04
CA GLU A 146 33.44 11.00 32.72
C GLU A 146 32.70 12.29 32.40
N GLY A 147 31.37 12.23 32.36
CA GLY A 147 30.55 13.39 32.10
C GLY A 147 30.42 13.71 30.60
N LYS A 148 29.94 14.92 30.31
CA LYS A 148 29.67 15.29 28.94
C LYS A 148 30.96 15.74 28.27
N LYS A 149 31.15 15.28 27.00
CA LYS A 149 32.31 15.66 26.21
C LYS A 149 31.81 16.03 24.82
N PRO A 150 32.55 16.87 24.07
CA PRO A 150 32.17 17.15 22.69
C PRO A 150 32.13 15.89 21.82
N TYR A 151 31.13 15.85 20.94
CA TYR A 151 31.14 14.83 19.90
C TYR A 151 32.40 14.94 19.05
N VAL A 152 32.80 13.79 18.47
CA VAL A 152 33.79 13.81 17.40
C VAL A 152 33.09 13.46 16.07
N THR A 153 33.85 13.46 14.97
CA THR A 153 33.27 13.11 13.68
C THR A 153 33.32 11.59 13.52
N PRO A 154 32.20 10.94 13.16
CA PRO A 154 32.20 9.49 12.93
C PRO A 154 32.95 9.14 11.64
N ARG A 155 33.43 7.90 11.58
CA ARG A 155 33.99 7.35 10.35
C ARG A 155 32.87 6.87 9.44
N ALA A 156 32.95 7.28 8.16
CA ALA A 156 32.02 6.77 7.17
C ALA A 156 32.38 5.32 6.86
N LEU A 157 31.38 4.43 6.93
CA LEU A 157 31.65 3.03 6.64
C LEU A 157 32.08 2.82 5.19
N ASP A 158 33.04 1.92 5.00
CA ASP A 158 33.37 1.49 3.63
C ASP A 158 32.20 0.70 3.04
N THR A 159 32.01 0.76 1.72
CA THR A 159 30.99 -0.10 1.12
C THR A 159 31.17 -1.56 1.53
N SER A 160 32.44 -2.00 1.54
CA SER A 160 32.75 -3.40 1.85
C SER A 160 32.41 -3.78 3.30
N GLU A 161 32.17 -2.81 4.19
CA GLU A 161 31.84 -3.09 5.59
C GLU A 161 30.35 -3.24 5.84
N ILE A 162 29.50 -2.87 4.87
CA ILE A 162 28.06 -2.93 5.12
C ILE A 162 27.61 -4.34 5.46
N PRO A 163 28.09 -5.41 4.77
CA PRO A 163 27.69 -6.77 5.16
C PRO A 163 27.97 -7.10 6.63
N ALA A 164 29.06 -6.55 7.20
CA ALA A 164 29.38 -6.78 8.61
C ALA A 164 28.33 -6.13 9.53
N ILE A 165 27.83 -4.94 9.16
CA ILE A 165 26.75 -4.32 9.91
C ILE A 165 25.53 -5.24 9.87
N VAL A 166 25.13 -5.67 8.67
CA VAL A 166 23.98 -6.55 8.53
C VAL A 166 24.16 -7.79 9.39
N GLU A 167 25.39 -8.35 9.42
CA GLU A 167 25.66 -9.55 10.18
C GLU A 167 25.57 -9.28 11.69
N GLN A 168 25.98 -8.09 12.14
CA GLN A 168 25.82 -7.76 13.55
C GLN A 168 24.34 -7.75 13.93
N TYR A 169 23.48 -7.19 13.06
CA TYR A 169 22.03 -7.25 13.33
C TYR A 169 21.53 -8.68 13.35
N ARG A 170 21.97 -9.50 12.37
CA ARG A 170 21.53 -10.90 12.35
C ARG A 170 21.90 -11.61 13.65
N GLN A 171 23.14 -11.40 14.13
CA GLN A 171 23.54 -12.04 15.38
C GLN A 171 22.77 -11.48 16.58
N GLY A 172 22.52 -10.18 16.56
CA GLY A 172 21.73 -9.60 17.64
C GLY A 172 20.33 -10.23 17.66
N ALA A 173 19.74 -10.43 16.47
CA ALA A 173 18.41 -11.04 16.41
C ALA A 173 18.45 -12.50 16.84
N ALA A 174 19.54 -13.22 16.46
CA ALA A 174 19.71 -14.60 16.91
C ALA A 174 19.87 -14.69 18.45
N ASN A 175 20.64 -13.76 19.02
CA ASN A 175 20.77 -13.70 20.48
C ASN A 175 19.41 -13.43 21.13
N ALA A 176 18.61 -12.53 20.55
CA ALA A 176 17.29 -12.24 21.11
C ALA A 176 16.44 -13.51 21.12
N LEU A 177 16.53 -14.30 20.02
CA LEU A 177 15.76 -15.53 19.94
C LEU A 177 16.19 -16.51 21.05
N ALA A 178 17.51 -16.64 21.27
CA ALA A 178 18.01 -17.49 22.34
C ALA A 178 17.63 -16.97 23.73
N ALA A 179 17.39 -15.66 23.85
CA ALA A 179 17.02 -15.06 25.13
C ALA A 179 15.55 -15.28 25.44
N GLY A 180 14.76 -15.80 24.47
CA GLY A 180 13.36 -16.11 24.72
C GLY A 180 12.38 -14.98 24.49
N PHE A 181 12.76 -13.95 23.70
CA PHE A 181 11.76 -12.97 23.29
C PHE A 181 10.70 -13.57 22.37
N ASP A 182 9.58 -12.85 22.27
CA ASP A 182 8.51 -13.28 21.36
C ASP A 182 8.74 -12.73 19.98
N GLY A 183 9.64 -11.77 19.85
CA GLY A 183 9.92 -11.16 18.56
C GLY A 183 10.92 -10.01 18.74
N VAL A 184 11.18 -9.26 17.66
CA VAL A 184 12.15 -8.18 17.69
C VAL A 184 11.59 -6.99 16.91
N GLU A 185 12.03 -5.79 17.30
CA GLU A 185 11.70 -4.57 16.57
C GLU A 185 12.98 -3.94 16.07
N ILE A 186 13.06 -3.65 14.75
CA ILE A 186 14.24 -2.96 14.24
C ILE A 186 14.13 -1.45 14.46
N HIS A 187 15.10 -0.90 15.19
CA HIS A 187 15.09 0.54 15.49
C HIS A 187 15.62 1.26 14.25
N ALA A 188 14.68 1.79 13.45
CA ALA A 188 15.03 2.56 12.26
C ALA A 188 14.56 4.01 12.42
N ALA A 189 14.57 4.48 13.69
CA ALA A 189 14.04 5.79 14.04
C ALA A 189 15.07 6.61 14.83
N ASN A 190 14.63 7.82 15.18
CA ASN A 190 15.27 8.72 16.14
C ASN A 190 16.72 9.06 15.80
N GLY A 191 17.09 8.99 14.52
CA GLY A 191 18.41 9.40 14.10
C GLY A 191 19.55 8.42 14.48
N TYR A 192 19.23 7.13 14.72
CA TYR A 192 20.29 6.16 14.96
C TYR A 192 20.74 5.55 13.63
N LEU A 193 21.52 4.45 13.64
CA LEU A 193 22.33 4.12 12.46
C LEU A 193 21.48 3.95 11.20
N ILE A 194 20.41 3.15 11.29
CA ILE A 194 19.60 2.87 10.10
C ILE A 194 18.96 4.16 9.60
N ASP A 195 18.42 4.97 10.50
CA ASP A 195 17.81 6.25 10.18
C ASP A 195 18.85 7.19 9.54
N GLN A 196 20.10 7.13 10.03
CA GLN A 196 21.16 7.93 9.43
C GLN A 196 21.34 7.62 7.95
N PHE A 197 21.26 6.32 7.59
CA PHE A 197 21.28 5.95 6.18
C PHE A 197 20.01 6.38 5.46
N LEU A 198 18.84 6.28 6.10
N LEU A 198 18.86 6.33 6.12
CA LEU A 198 17.57 6.58 5.46
CA LEU A 198 17.62 6.56 5.39
C LEU A 198 17.55 8.02 4.94
C LEU A 198 17.47 8.02 4.97
N ARG A 199 17.95 8.95 5.81
CA ARG A 199 17.67 10.37 5.59
C ARG A 199 18.81 11.10 4.89
N ASP A 200 18.45 12.00 3.97
CA ASP A 200 19.49 12.62 3.16
C ASP A 200 20.28 13.66 3.94
N GLY A 201 19.76 14.09 5.10
CA GLY A 201 20.51 15.04 5.93
C GLY A 201 21.77 14.40 6.53
N THR A 202 21.74 13.09 6.81
CA THR A 202 22.86 12.38 7.44
C THR A 202 23.60 11.49 6.44
N ASN A 203 23.02 11.25 5.26
CA ASN A 203 23.58 10.30 4.29
C ASN A 203 23.94 11.05 3.02
N GLN A 204 25.26 11.24 2.81
CA GLN A 204 25.67 11.84 1.53
C GLN A 204 26.62 10.92 0.80
N ARG A 205 26.40 9.61 0.97
CA ARG A 205 27.25 8.60 0.34
C ARG A 205 27.03 8.58 -1.16
N THR A 206 28.06 8.11 -1.87
CA THR A 206 28.04 8.08 -3.33
C THR A 206 28.14 6.64 -3.86
N ASP A 207 27.97 5.63 -3.00
CA ASP A 207 27.84 4.24 -3.41
C ASP A 207 26.36 3.85 -3.47
N GLU A 208 26.10 2.55 -3.43
CA GLU A 208 24.75 2.04 -3.63
C GLU A 208 23.93 2.16 -2.33
N TYR A 209 24.53 2.74 -1.28
CA TYR A 209 23.80 2.99 -0.03
C TYR A 209 23.43 4.46 0.14
N GLY A 210 23.71 5.32 -0.86
CA GLY A 210 23.36 6.74 -0.78
C GLY A 210 22.78 7.24 -2.09
N GLY A 211 22.22 8.47 -2.04
CA GLY A 211 21.71 9.17 -3.20
C GLY A 211 20.21 8.89 -3.34
N ALA A 212 19.87 8.02 -4.31
CA ALA A 212 18.47 7.70 -4.58
C ALA A 212 17.82 7.01 -3.36
N ILE A 213 16.49 7.17 -3.25
CA ILE A 213 15.75 6.57 -2.14
C ILE A 213 15.97 5.06 -2.00
N GLU A 214 16.03 4.32 -3.11
N GLU A 214 15.97 4.34 -3.12
CA GLU A 214 16.20 2.87 -3.02
CA GLU A 214 16.19 2.91 -3.07
C GLU A 214 17.60 2.51 -2.50
C GLU A 214 17.52 2.63 -2.35
N ASN A 215 18.54 3.45 -2.62
CA ASN A 215 19.86 3.26 -2.07
C ASN A 215 19.82 3.59 -0.59
N ARG A 216 19.13 4.68 -0.20
CA ARG A 216 19.14 5.10 1.20
C ARG A 216 18.36 4.08 2.03
N ALA A 217 17.36 3.44 1.43
CA ALA A 217 16.59 2.42 2.13
C ALA A 217 17.28 1.06 2.17
N ARG A 218 18.40 0.90 1.43
CA ARG A 218 19.00 -0.42 1.22
C ARG A 218 19.44 -1.04 2.54
N LEU A 219 20.11 -0.27 3.42
CA LEU A 219 20.57 -0.86 4.67
C LEU A 219 19.37 -1.42 5.45
N LEU A 220 18.29 -0.62 5.61
CA LEU A 220 17.12 -1.13 6.32
C LEU A 220 16.63 -2.44 5.71
N LEU A 221 16.54 -2.47 4.37
CA LEU A 221 15.99 -3.64 3.70
C LEU A 221 16.89 -4.87 3.87
N GLU A 222 18.21 -4.67 3.82
CA GLU A 222 19.14 -5.78 3.98
C GLU A 222 19.16 -6.29 5.42
N VAL A 223 19.07 -5.37 6.40
CA VAL A 223 18.96 -5.75 7.81
C VAL A 223 17.68 -6.56 8.04
N THR A 224 16.58 -6.09 7.46
CA THR A 224 15.30 -6.78 7.64
C THR A 224 15.37 -8.20 7.06
N GLU A 225 15.92 -8.32 5.84
N GLU A 225 15.93 -8.32 5.83
CA GLU A 225 16.08 -9.60 5.16
CA GLU A 225 16.07 -9.62 5.18
C GLU A 225 16.88 -10.55 6.03
C GLU A 225 16.88 -10.57 6.04
N ALA A 226 17.99 -10.07 6.61
CA ALA A 226 18.83 -10.93 7.44
C ALA A 226 18.06 -11.39 8.68
N ILE A 227 17.34 -10.48 9.30
CA ILE A 227 16.64 -10.81 10.53
C ILE A 227 15.49 -11.79 10.29
N THR A 228 14.85 -11.71 9.11
CA THR A 228 13.79 -12.64 8.79
C THR A 228 14.33 -14.03 8.42
N SER A 229 15.67 -14.19 8.34
CA SER A 229 16.28 -15.51 8.19
C SER A 229 16.43 -16.21 9.56
N VAL A 230 16.26 -15.43 10.63
CA VAL A 230 16.37 -15.95 12.00
C VAL A 230 14.97 -16.15 12.60
N TRP A 231 14.11 -15.13 12.43
CA TRP A 231 12.77 -15.09 12.99
C TRP A 231 11.75 -15.26 11.91
N ASP A 232 10.63 -15.90 12.25
N ASP A 232 10.63 -15.89 12.27
CA ASP A 232 9.48 -15.79 11.36
CA ASP A 232 9.40 -15.75 11.51
C ASP A 232 9.14 -14.32 11.23
C ASP A 232 9.18 -14.27 11.24
N SER A 233 8.79 -13.91 10.00
CA SER A 233 8.67 -12.50 9.67
C SER A 233 7.55 -11.84 10.47
N GLN A 234 6.54 -12.65 10.88
CA GLN A 234 5.43 -12.09 11.64
C GLN A 234 5.86 -11.79 13.08
N ARG A 235 7.13 -12.04 13.42
CA ARG A 235 7.64 -11.67 14.74
C ARG A 235 8.71 -10.57 14.61
N VAL A 236 8.79 -9.91 13.46
CA VAL A 236 9.74 -8.84 13.21
C VAL A 236 8.97 -7.57 12.90
N GLY A 237 9.16 -6.51 13.70
CA GLY A 237 8.61 -5.21 13.37
C GLY A 237 9.69 -4.20 13.00
N VAL A 238 9.27 -3.04 12.50
CA VAL A 238 10.20 -1.94 12.20
C VAL A 238 9.61 -0.66 12.80
N ARG A 239 10.46 0.19 13.33
CA ARG A 239 10.04 1.49 13.86
C ARG A 239 10.68 2.62 13.04
N LEU A 240 9.85 3.60 12.67
CA LEU A 240 10.25 4.81 11.95
C LEU A 240 9.74 6.02 12.72
N SER A 241 10.37 7.18 12.51
CA SER A 241 9.94 8.43 13.16
C SER A 241 10.00 9.53 12.11
N PRO A 242 9.05 9.57 11.15
CA PRO A 242 9.24 10.35 9.94
C PRO A 242 9.52 11.84 10.12
N LEU A 243 9.07 12.44 11.24
CA LEU A 243 9.20 13.87 11.41
C LEU A 243 9.94 14.24 12.70
N THR A 244 10.66 13.28 13.32
CA THR A 244 11.59 13.71 14.38
C THR A 244 12.71 14.58 13.80
N THR A 245 13.28 15.45 14.65
CA THR A 245 14.53 16.13 14.32
C THR A 245 15.61 15.72 15.32
N LEU A 246 15.29 14.72 16.16
CA LEU A 246 16.20 14.20 17.18
C LEU A 246 17.56 13.84 16.56
N ASN A 247 18.66 14.09 17.28
CA ASN A 247 19.99 13.65 16.87
C ASN A 247 20.39 14.18 15.49
N GLY A 248 19.83 15.33 15.10
CA GLY A 248 20.27 16.02 13.91
C GLY A 248 19.98 15.29 12.61
N CYS A 249 18.96 14.43 12.61
CA CYS A 249 18.68 13.52 11.49
C CYS A 249 17.35 13.94 10.85
N VAL A 250 17.43 14.59 9.69
CA VAL A 250 16.25 15.06 8.95
C VAL A 250 16.38 14.68 7.47
N ASP A 251 15.24 14.48 6.82
CA ASP A 251 15.20 14.23 5.39
C ASP A 251 14.49 15.40 4.72
N SER A 252 14.97 15.75 3.52
CA SER A 252 14.41 16.89 2.81
C SER A 252 13.09 16.60 2.11
N HIS A 253 12.69 15.34 1.92
CA HIS A 253 11.42 14.96 1.29
C HIS A 253 10.77 13.82 2.11
N PRO A 254 10.38 14.07 3.39
CA PRO A 254 9.87 13.02 4.26
C PRO A 254 8.67 12.27 3.69
N LEU A 255 7.74 12.97 3.00
CA LEU A 255 6.58 12.28 2.43
C LEU A 255 7.01 11.17 1.46
N GLU A 256 7.90 11.52 0.54
CA GLU A 256 8.34 10.56 -0.49
C GLU A 256 9.23 9.49 0.13
N THR A 257 10.18 9.89 0.98
CA THR A 257 11.10 8.94 1.62
C THR A 257 10.34 7.89 2.43
N PHE A 258 9.52 8.36 3.39
CA PHE A 258 8.78 7.44 4.26
C PHE A 258 7.65 6.70 3.55
N GLY A 259 7.01 7.35 2.56
CA GLY A 259 5.98 6.66 1.78
C GLY A 259 6.59 5.51 0.97
N TYR A 260 7.84 5.71 0.48
CA TYR A 260 8.53 4.65 -0.24
C TYR A 260 8.87 3.50 0.71
N VAL A 261 9.41 3.82 1.92
CA VAL A 261 9.80 2.74 2.83
C VAL A 261 8.56 1.94 3.22
N ALA A 262 7.42 2.64 3.48
CA ALA A 262 6.22 1.93 3.89
C ALA A 262 5.82 0.85 2.87
N GLN A 263 5.94 1.18 1.58
CA GLN A 263 5.59 0.24 0.52
C GLN A 263 6.65 -0.84 0.41
N ALA A 264 7.94 -0.47 0.56
CA ALA A 264 9.01 -1.41 0.30
C ALA A 264 9.02 -2.50 1.36
N LEU A 265 8.53 -2.17 2.57
CA LEU A 265 8.55 -3.18 3.62
C LEU A 265 7.50 -4.27 3.43
N ASN A 266 6.51 -4.07 2.55
CA ASN A 266 5.41 -5.03 2.43
C ASN A 266 5.90 -6.40 1.95
N ARG A 267 7.00 -6.39 1.19
N ARG A 267 6.99 -6.46 1.18
CA ARG A 267 7.62 -7.61 0.67
CA ARG A 267 7.38 -7.76 0.66
C ARG A 267 7.82 -8.64 1.78
C ARG A 267 7.98 -8.68 1.74
N PHE A 268 8.19 -8.17 2.97
CA PHE A 268 8.71 -9.02 4.03
C PHE A 268 7.61 -9.67 4.88
N ASN A 269 6.35 -9.23 4.73
CA ASN A 269 5.26 -9.77 5.55
C ASN A 269 5.61 -9.61 7.04
N LEU A 270 5.97 -8.41 7.47
CA LEU A 270 6.40 -8.16 8.84
C LEU A 270 5.25 -8.21 9.85
N SER A 271 5.64 -8.33 11.09
CA SER A 271 4.70 -8.23 12.20
C SER A 271 3.92 -6.92 12.16
N TYR A 272 4.63 -5.81 11.98
CA TYR A 272 3.98 -4.51 12.07
C TYR A 272 4.97 -3.44 11.61
N LEU A 273 4.41 -2.27 11.28
CA LEU A 273 5.18 -1.04 11.16
C LEU A 273 4.76 -0.16 12.36
N HIS A 274 5.74 0.45 13.04
CA HIS A 274 5.50 1.26 14.24
C HIS A 274 5.99 2.69 13.94
N ILE A 275 5.08 3.67 14.04
CA ILE A 275 5.36 5.07 13.75
C ILE A 275 5.34 5.87 15.04
N PHE A 276 6.48 6.48 15.38
CA PHE A 276 6.55 7.52 16.42
C PHE A 276 6.28 8.85 15.72
N GLU A 277 5.12 9.43 16.07
CA GLU A 277 4.66 10.70 15.52
C GLU A 277 5.22 11.80 16.42
N ALA A 278 6.21 12.55 15.92
CA ALA A 278 6.90 13.57 16.69
C ALA A 278 5.89 14.59 17.22
N ILE A 279 6.05 14.95 18.50
CA ILE A 279 5.09 15.80 19.19
C ILE A 279 5.24 17.26 18.76
N ASP A 280 6.42 17.65 18.27
CA ASP A 280 6.71 19.04 17.92
C ASP A 280 6.73 19.25 16.40
N ALA A 281 6.28 18.27 15.61
CA ALA A 281 6.43 18.44 14.17
C ALA A 281 5.51 19.54 13.61
N ASP A 282 4.24 19.55 14.02
CA ASP A 282 3.35 20.58 13.49
C ASP A 282 3.87 21.97 13.80
N ILE A 283 4.38 22.19 15.02
CA ILE A 283 4.70 23.54 15.49
C ILE A 283 5.99 24.04 14.83
N ARG A 284 6.88 23.12 14.47
N ARG A 284 6.83 23.09 14.42
CA ARG A 284 8.11 23.44 13.76
CA ARG A 284 8.15 23.34 13.85
C ARG A 284 7.84 23.72 12.28
C ARG A 284 8.17 23.10 12.33
N HIS A 285 7.01 22.85 11.70
CA HIS A 285 6.90 22.71 10.24
C HIS A 285 5.73 23.54 9.69
N GLY A 286 4.96 24.16 10.59
CA GLY A 286 3.83 25.00 10.21
C GLY A 286 2.69 24.18 9.59
N GLY A 287 2.66 22.89 9.92
CA GLY A 287 1.68 21.97 9.38
C GLY A 287 2.22 20.55 9.40
N THR A 288 1.46 19.62 8.79
CA THR A 288 1.86 18.23 8.79
C THR A 288 2.40 17.85 7.41
N VAL A 289 3.69 17.51 7.40
CA VAL A 289 4.36 17.23 6.14
C VAL A 289 4.05 15.80 5.76
N VAL A 290 3.88 14.91 6.76
CA VAL A 290 3.72 13.47 6.52
C VAL A 290 2.57 12.96 7.37
N PRO A 291 1.31 13.05 6.94
CA PRO A 291 0.24 12.47 7.75
C PRO A 291 0.42 10.95 7.83
N THR A 292 0.22 10.38 9.03
CA THR A 292 0.35 8.95 9.19
C THR A 292 -0.59 8.21 8.24
N SER A 293 -1.74 8.79 7.87
CA SER A 293 -2.62 8.14 6.91
C SER A 293 -1.90 7.78 5.61
N HIS A 294 -0.91 8.60 5.21
CA HIS A 294 -0.16 8.34 3.99
C HIS A 294 0.57 7.00 4.10
N LEU A 295 1.11 6.73 5.29
CA LEU A 295 1.79 5.48 5.55
C LEU A 295 0.84 4.32 5.81
N ARG A 296 -0.29 4.59 6.52
CA ARG A 296 -1.32 3.59 6.76
C ARG A 296 -1.81 3.03 5.42
N ASP A 297 -1.95 3.92 4.44
CA ASP A 297 -2.46 3.47 3.16
C ASP A 297 -1.43 2.68 2.36
N ARG A 298 -0.14 2.80 2.68
CA ARG A 298 0.90 2.20 1.87
C ARG A 298 1.41 0.91 2.51
N PHE A 299 1.49 0.87 3.84
CA PHE A 299 1.89 -0.36 4.52
C PHE A 299 0.64 -1.22 4.72
N THR A 300 0.66 -2.47 4.25
CA THR A 300 -0.56 -3.28 4.17
C THR A 300 -0.83 -4.09 5.42
N GLY A 301 0.08 -4.06 6.39
CA GLY A 301 -0.07 -4.88 7.58
C GLY A 301 -0.42 -4.06 8.83
N THR A 302 -0.08 -4.62 10.01
CA THR A 302 -0.45 -4.00 11.28
C THR A 302 0.32 -2.68 11.46
N LEU A 303 -0.40 -1.63 11.87
CA LEU A 303 0.24 -0.35 12.14
C LEU A 303 0.15 -0.03 13.64
N ILE A 304 1.30 0.27 14.26
CA ILE A 304 1.33 0.82 15.62
C ILE A 304 1.62 2.31 15.52
N VAL A 305 0.82 3.13 16.21
CA VAL A 305 1.10 4.56 16.26
C VAL A 305 1.44 4.95 17.70
N ASN A 306 2.14 6.09 17.83
CA ASN A 306 2.70 6.49 19.10
C ASN A 306 2.95 7.99 19.08
N GLY A 307 2.81 8.60 20.26
CA GLY A 307 3.21 9.98 20.52
C GLY A 307 2.04 10.76 21.12
N GLY A 308 2.06 10.88 22.46
CA GLY A 308 1.11 11.74 23.16
C GLY A 308 -0.30 11.13 23.22
N TYR A 309 -0.42 9.81 23.06
CA TYR A 309 -1.74 9.19 23.12
C TYR A 309 -2.33 9.14 24.54
N THR A 310 -3.67 9.10 24.56
CA THR A 310 -4.49 8.96 25.77
C THR A 310 -5.54 7.87 25.53
N ARG A 311 -6.32 7.48 26.56
CA ARG A 311 -7.43 6.56 26.32
C ARG A 311 -8.31 7.06 25.18
N GLU A 312 -8.70 8.35 25.22
CA GLU A 312 -9.64 8.81 24.21
C GLU A 312 -9.00 8.86 22.82
N LYS A 313 -7.75 9.37 22.73
CA LYS A 313 -7.05 9.47 21.46
C LYS A 313 -6.80 8.08 20.87
N GLY A 314 -6.48 7.12 21.74
CA GLY A 314 -6.18 5.76 21.30
C GLY A 314 -7.44 5.06 20.78
N ASP A 315 -8.55 5.18 21.52
CA ASP A 315 -9.84 4.66 21.06
C ASP A 315 -10.20 5.21 19.69
N THR A 316 -10.05 6.53 19.50
CA THR A 316 -10.42 7.17 18.25
C THR A 316 -9.64 6.58 17.06
N VAL A 317 -8.32 6.41 17.20
CA VAL A 317 -7.52 5.99 16.04
C VAL A 317 -7.84 4.55 15.67
N ILE A 318 -8.19 3.74 16.68
CA ILE A 318 -8.57 2.36 16.44
C ILE A 318 -9.95 2.31 15.79
N ALA A 319 -10.90 3.06 16.35
CA ALA A 319 -12.24 3.07 15.80
C ALA A 319 -12.29 3.55 14.35
N ASN A 320 -11.44 4.54 14.02
CA ASN A 320 -11.39 5.17 12.70
C ASN A 320 -10.57 4.35 11.70
N LYS A 321 -10.03 3.21 12.15
CA LYS A 321 -9.20 2.32 11.34
C LYS A 321 -7.88 2.99 10.91
N ALA A 322 -7.47 4.03 11.62
CA ALA A 322 -6.23 4.72 11.30
C ALA A 322 -5.00 3.98 11.84
N ALA A 323 -5.20 3.08 12.82
CA ALA A 323 -4.11 2.27 13.35
C ALA A 323 -4.72 1.02 13.97
N ASP A 324 -3.87 0.02 14.23
CA ASP A 324 -4.34 -1.21 14.87
C ASP A 324 -3.93 -1.27 16.35
N LEU A 325 -2.75 -0.74 16.65
CA LEU A 325 -2.20 -0.79 18.02
C LEU A 325 -1.72 0.61 18.38
N VAL A 326 -1.71 0.89 19.68
CA VAL A 326 -1.31 2.20 20.14
C VAL A 326 -0.23 2.04 21.19
N ALA A 327 0.95 2.62 20.97
CA ALA A 327 2.02 2.48 21.94
C ALA A 327 2.11 3.72 22.84
N PHE A 328 2.37 3.48 24.14
CA PHE A 328 2.51 4.53 25.13
C PHE A 328 3.92 4.42 25.73
N GLY A 329 4.67 5.53 25.76
CA GLY A 329 6.01 5.56 26.34
C GLY A 329 5.94 6.12 27.76
N THR A 330 5.86 7.46 27.84
CA THR A 330 5.90 8.16 29.13
C THR A 330 4.95 7.53 30.15
N LEU A 331 3.67 7.31 29.79
CA LEU A 331 2.69 6.81 30.74
C LEU A 331 3.07 5.43 31.27
N PHE A 332 3.80 4.62 30.48
CA PHE A 332 4.18 3.30 30.98
C PHE A 332 5.37 3.41 31.94
N ILE A 333 6.16 4.48 31.85
CA ILE A 333 7.18 4.70 32.88
C ILE A 333 6.51 4.77 34.25
N SER A 334 5.46 5.60 34.33
CA SER A 334 4.91 5.95 35.63
C SER A 334 3.71 5.09 36.06
N ASN A 335 3.13 4.30 35.15
CA ASN A 335 1.96 3.50 35.52
C ASN A 335 2.21 2.06 35.06
N PRO A 336 2.64 1.16 35.97
CA PRO A 336 2.91 -0.21 35.60
C PRO A 336 1.66 -0.91 35.06
N ASP A 337 0.50 -0.60 35.65
CA ASP A 337 -0.78 -1.15 35.27
C ASP A 337 -1.52 -0.15 34.40
N LEU A 338 -0.80 0.48 33.45
CA LEU A 338 -1.45 1.45 32.58
C LEU A 338 -2.74 0.90 31.96
N PRO A 339 -2.78 -0.33 31.41
CA PRO A 339 -4.01 -0.81 30.77
C PRO A 339 -5.24 -0.72 31.69
N GLU A 340 -5.11 -1.24 32.92
CA GLU A 340 -6.23 -1.21 33.85
C GLU A 340 -6.63 0.23 34.17
N ARG A 341 -5.64 1.11 34.40
CA ARG A 341 -5.95 2.49 34.75
C ARG A 341 -6.68 3.16 33.60
N LEU A 342 -6.23 2.93 32.35
CA LEU A 342 -6.93 3.49 31.20
C LEU A 342 -8.33 2.91 31.11
N GLU A 343 -8.49 1.61 31.39
CA GLU A 343 -9.77 0.96 31.14
C GLU A 343 -10.87 1.57 32.02
N VAL A 344 -10.51 1.91 33.27
CA VAL A 344 -11.48 2.31 34.28
C VAL A 344 -11.42 3.81 34.55
N ASN A 345 -10.57 4.51 33.77
CA ASN A 345 -10.48 5.96 33.81
C ASN A 345 -9.98 6.38 35.20
N ALA A 346 -9.02 5.60 35.72
CA ALA A 346 -8.40 5.86 37.01
C ALA A 346 -7.44 7.03 36.92
N PRO A 347 -7.10 7.69 38.04
CA PRO A 347 -5.99 8.64 38.05
C PRO A 347 -4.70 7.99 37.54
N LEU A 348 -3.84 8.78 36.91
CA LEU A 348 -2.56 8.26 36.43
C LEU A 348 -1.47 8.83 37.31
N ASN A 349 -0.45 8.02 37.63
CA ASN A 349 0.74 8.57 38.30
C ASN A 349 1.50 9.48 37.32
N GLN A 350 2.13 10.52 37.87
CA GLN A 350 2.91 11.49 37.13
C GLN A 350 4.36 11.01 36.94
N ALA A 351 4.85 11.03 35.68
CA ALA A 351 6.21 10.61 35.35
C ALA A 351 7.21 11.64 35.86
N LYS A 352 8.35 11.14 36.39
CA LYS A 352 9.38 11.96 37.01
C LYS A 352 10.66 11.88 36.17
N PRO A 353 10.89 12.87 35.28
CA PRO A 353 12.01 12.84 34.35
C PRO A 353 13.39 12.65 34.96
N THR A 354 13.60 13.14 36.20
CA THR A 354 14.94 13.07 36.77
C THR A 354 15.39 11.62 36.93
N THR A 355 14.44 10.67 36.95
CA THR A 355 14.80 9.27 37.13
C THR A 355 14.50 8.43 35.89
N PHE A 356 14.29 9.10 34.74
CA PHE A 356 14.16 8.31 33.51
C PHE A 356 15.40 7.48 33.23
N TYR A 357 16.58 8.10 33.36
CA TYR A 357 17.80 7.44 32.89
C TYR A 357 18.77 7.22 34.04
N GLY A 358 19.29 5.98 34.14
CA GLY A 358 20.31 5.65 35.14
C GLY A 358 19.67 5.39 36.51
N GLY A 359 20.47 4.86 37.41
CA GLY A 359 20.07 4.64 38.78
C GLY A 359 19.56 3.21 38.99
N GLY A 360 18.51 3.11 39.81
CA GLY A 360 18.07 1.81 40.28
C GLY A 360 16.57 1.83 40.46
N GLU A 361 16.12 1.32 41.61
CA GLU A 361 14.70 1.10 41.80
C GLU A 361 13.89 2.40 41.74
N LYS A 362 14.42 3.51 42.28
N LYS A 362 14.40 3.50 42.34
CA LYS A 362 13.67 4.75 42.41
CA LYS A 362 13.58 4.69 42.44
C LYS A 362 13.31 5.30 41.04
C LYS A 362 13.29 5.24 41.05
N GLY A 363 12.01 5.55 40.80
CA GLY A 363 11.55 6.01 39.49
C GLY A 363 11.60 4.91 38.41
N TYR A 364 11.60 3.65 38.85
CA TYR A 364 11.75 2.54 37.90
C TYR A 364 10.74 1.44 38.28
N THR A 365 10.89 0.89 39.49
CA THR A 365 10.02 -0.20 39.95
C THR A 365 9.14 0.22 41.13
N ASP A 366 9.20 1.51 41.49
CA ASP A 366 8.51 1.93 42.71
C ASP A 366 7.35 2.86 42.37
N TYR A 367 6.95 2.94 41.08
CA TYR A 367 5.69 3.62 40.78
C TYR A 367 4.58 2.67 41.21
N PRO A 368 3.57 3.11 41.99
CA PRO A 368 2.58 2.19 42.55
C PRO A 368 1.53 1.68 41.57
N PHE A 369 1.03 0.48 41.89
CA PHE A 369 -0.17 -0.04 41.26
C PHE A 369 -1.41 0.62 41.87
N LEU A 370 -2.52 0.51 41.13
CA LEU A 370 -3.81 0.99 41.58
C LEU A 370 -4.21 0.25 42.89
N ASN B 14 -42.76 -3.85 -20.90
CA ASN B 14 -42.54 -2.93 -19.74
C ASN B 14 -41.23 -3.26 -19.03
N ILE B 15 -40.16 -2.62 -19.50
CA ILE B 15 -38.84 -2.94 -19.01
C ILE B 15 -38.26 -1.76 -18.24
N ASN B 16 -37.43 -2.04 -17.21
CA ASN B 16 -36.83 -1.00 -16.39
C ASN B 16 -35.50 -1.54 -15.86
N LEU B 17 -34.89 -0.79 -14.94
N LEU B 17 -34.84 -0.78 -14.98
CA LEU B 17 -33.60 -1.11 -14.38
CA LEU B 17 -33.57 -1.21 -14.42
C LEU B 17 -33.61 -2.45 -13.62
C LEU B 17 -33.63 -2.61 -13.81
N PHE B 18 -34.79 -2.99 -13.28
CA PHE B 18 -34.89 -4.20 -12.48
C PHE B 18 -35.34 -5.39 -13.32
N SER B 19 -35.54 -5.18 -14.62
CA SER B 19 -35.88 -6.27 -15.52
C SER B 19 -34.70 -7.24 -15.73
N SER B 20 -35.02 -8.54 -15.84
CA SER B 20 -33.96 -9.50 -16.16
C SER B 20 -33.45 -9.29 -17.59
N TYR B 21 -32.27 -9.86 -17.90
CA TYR B 21 -31.73 -9.79 -19.25
C TYR B 21 -30.97 -11.07 -19.58
N GLN B 22 -31.02 -11.53 -20.85
CA GLN B 22 -30.22 -12.66 -21.29
C GLN B 22 -28.97 -12.14 -22.01
N LEU B 23 -27.82 -12.32 -21.36
CA LEU B 23 -26.53 -11.90 -21.91
C LEU B 23 -25.81 -13.15 -22.41
N GLY B 24 -26.01 -13.51 -23.69
CA GLY B 24 -25.61 -14.84 -24.17
C GLY B 24 -26.22 -15.94 -23.31
N GLU B 25 -25.39 -16.75 -22.65
CA GLU B 25 -25.92 -17.83 -21.84
C GLU B 25 -26.14 -17.41 -20.38
N LEU B 26 -25.73 -16.18 -20.01
CA LEU B 26 -25.90 -15.73 -18.64
C LEU B 26 -27.26 -15.09 -18.44
N GLU B 27 -27.91 -15.47 -17.33
N GLU B 27 -27.94 -15.42 -17.34
CA GLU B 27 -29.11 -14.82 -16.86
CA GLU B 27 -29.21 -14.78 -17.00
C GLU B 27 -28.72 -13.67 -15.93
C GLU B 27 -28.98 -13.70 -15.94
N LEU B 28 -29.00 -12.42 -16.35
CA LEU B 28 -28.76 -11.29 -15.46
C LEU B 28 -30.06 -10.96 -14.72
N PRO B 29 -30.06 -10.83 -13.36
CA PRO B 29 -31.30 -10.58 -12.63
C PRO B 29 -31.86 -9.17 -12.77
N ASN B 30 -31.03 -8.25 -13.25
CA ASN B 30 -31.42 -6.85 -13.37
C ASN B 30 -30.54 -6.23 -14.45
N ARG B 31 -30.74 -4.93 -14.74
CA ARG B 31 -29.98 -4.28 -15.80
C ARG B 31 -28.86 -3.41 -15.23
N ILE B 32 -28.58 -3.57 -13.92
CA ILE B 32 -27.61 -2.76 -13.20
C ILE B 32 -26.23 -3.40 -13.28
N VAL B 33 -25.26 -2.66 -13.84
CA VAL B 33 -23.89 -3.19 -13.93
C VAL B 33 -22.97 -2.39 -13.00
N MET B 34 -22.02 -3.10 -12.35
CA MET B 34 -20.98 -2.40 -11.64
C MET B 34 -19.87 -2.06 -12.63
N ALA B 35 -19.68 -0.74 -12.87
CA ALA B 35 -18.64 -0.27 -13.78
C ALA B 35 -17.26 -0.71 -13.26
N PRO B 36 -16.25 -0.83 -14.15
CA PRO B 36 -14.90 -1.12 -13.70
C PRO B 36 -14.32 0.06 -12.92
N LEU B 37 -13.70 -0.25 -11.77
CA LEU B 37 -13.21 0.76 -10.83
C LEU B 37 -11.84 0.35 -10.30
N THR B 38 -10.78 1.02 -10.78
CA THR B 38 -9.45 0.87 -10.20
C THR B 38 -9.45 1.28 -8.72
N ARG B 39 -9.03 0.36 -7.85
CA ARG B 39 -8.96 0.67 -6.42
C ARG B 39 -7.54 0.51 -5.86
N SER B 40 -6.60 -0.02 -6.67
CA SER B 40 -5.17 -0.01 -6.34
C SER B 40 -4.90 -0.68 -4.98
N ARG B 41 -5.50 -1.86 -4.79
CA ARG B 41 -5.38 -2.62 -3.54
C ARG B 41 -4.90 -4.05 -3.85
N ALA B 42 -3.96 -4.18 -4.82
CA ALA B 42 -3.36 -5.48 -5.03
C ALA B 42 -2.17 -5.69 -4.08
N GLY B 43 -1.91 -6.96 -3.74
CA GLY B 43 -0.81 -7.29 -2.84
C GLY B 43 0.50 -7.52 -3.58
N GLU B 44 1.50 -8.09 -2.89
CA GLU B 44 2.80 -8.34 -3.52
C GLU B 44 2.63 -9.12 -4.83
N GLY B 45 3.43 -8.77 -5.83
CA GLY B 45 3.30 -9.43 -7.13
C GLY B 45 2.04 -8.97 -7.88
N ASN B 46 1.41 -7.88 -7.41
CA ASN B 46 0.18 -7.38 -8.01
C ASN B 46 -0.88 -8.48 -8.00
N VAL B 47 -1.02 -9.18 -6.86
CA VAL B 47 -1.91 -10.34 -6.72
C VAL B 47 -3.16 -9.97 -5.91
N PRO B 48 -4.38 -10.25 -6.40
CA PRO B 48 -5.57 -10.07 -5.58
C PRO B 48 -5.59 -11.00 -4.37
N HIS B 49 -6.26 -10.57 -3.28
CA HIS B 49 -6.29 -11.27 -2.01
C HIS B 49 -7.71 -11.25 -1.46
N GLN B 50 -7.87 -11.81 -0.25
CA GLN B 50 -9.19 -12.06 0.32
C GLN B 50 -9.99 -10.78 0.48
N LEU B 51 -9.31 -9.65 0.82
CA LEU B 51 -10.03 -8.41 1.00
C LEU B 51 -10.74 -7.99 -0.30
N ASN B 52 -10.03 -8.18 -1.41
CA ASN B 52 -10.61 -7.91 -2.72
C ASN B 52 -11.81 -8.82 -3.01
N ALA B 53 -11.69 -10.09 -2.63
CA ALA B 53 -12.80 -11.03 -2.77
C ALA B 53 -14.04 -10.56 -2.01
N ILE B 54 -13.84 -10.10 -0.75
CA ILE B 54 -14.92 -9.54 0.05
C ILE B 54 -15.61 -8.37 -0.66
N TYR B 55 -14.78 -7.42 -1.13
CA TYR B 55 -15.30 -6.23 -1.78
C TYR B 55 -16.22 -6.60 -2.94
N TYR B 56 -15.75 -7.52 -3.81
CA TYR B 56 -16.58 -7.90 -4.97
C TYR B 56 -17.80 -8.72 -4.55
N GLY B 57 -17.60 -9.61 -3.57
CA GLY B 57 -18.70 -10.43 -3.07
C GLY B 57 -19.83 -9.54 -2.51
N GLN B 58 -19.46 -8.42 -1.87
CA GLN B 58 -20.43 -7.51 -1.29
C GLN B 58 -21.34 -6.88 -2.35
N ARG B 59 -20.86 -6.85 -3.62
CA ARG B 59 -21.56 -6.16 -4.70
C ARG B 59 -22.16 -7.17 -5.67
N ALA B 60 -22.26 -8.44 -5.27
CA ALA B 60 -22.67 -9.53 -6.16
C ALA B 60 -24.15 -9.45 -6.58
N SER B 61 -24.92 -8.50 -6.00
CA SER B 61 -26.31 -8.33 -6.40
C SER B 61 -26.41 -7.59 -7.74
N ALA B 62 -25.29 -7.01 -8.19
CA ALA B 62 -25.29 -6.39 -9.51
C ALA B 62 -25.67 -7.40 -10.59
N GLY B 63 -26.45 -6.94 -11.60
CA GLY B 63 -26.72 -7.79 -12.75
C GLY B 63 -25.42 -8.36 -13.33
N LEU B 64 -24.40 -7.52 -13.43
CA LEU B 64 -23.06 -7.95 -13.84
C LEU B 64 -22.04 -7.06 -13.13
N ILE B 65 -20.95 -7.67 -12.62
CA ILE B 65 -19.80 -6.89 -12.18
C ILE B 65 -18.79 -6.86 -13.32
N ILE B 66 -18.23 -5.67 -13.60
CA ILE B 66 -17.01 -5.62 -14.42
C ILE B 66 -15.89 -5.25 -13.44
N ALA B 67 -14.95 -6.17 -13.25
CA ALA B 67 -13.85 -5.92 -12.34
C ALA B 67 -12.95 -4.80 -12.87
N GLU B 68 -12.22 -4.18 -11.93
CA GLU B 68 -11.25 -3.13 -12.21
C GLU B 68 -10.34 -3.49 -13.39
N ALA B 69 -9.81 -2.46 -14.04
CA ALA B 69 -8.79 -2.62 -15.06
C ALA B 69 -7.61 -3.42 -14.52
N THR B 70 -7.20 -4.46 -15.28
CA THR B 70 -6.20 -5.41 -14.78
C THR B 70 -5.18 -5.62 -15.88
N GLN B 71 -3.92 -5.22 -15.64
CA GLN B 71 -2.94 -5.28 -16.73
C GLN B 71 -2.66 -6.71 -17.20
N VAL B 72 -2.65 -6.86 -18.52
CA VAL B 72 -2.47 -8.18 -19.16
C VAL B 72 -1.01 -8.61 -19.24
N THR B 73 -0.07 -7.69 -18.93
CA THR B 73 1.36 -7.96 -19.08
C THR B 73 2.07 -6.91 -18.22
N PRO B 74 3.31 -7.16 -17.73
CA PRO B 74 3.96 -6.17 -16.87
C PRO B 74 4.05 -4.75 -17.43
N GLN B 75 4.36 -4.62 -18.73
N GLN B 75 4.36 -4.63 -18.74
CA GLN B 75 4.50 -3.29 -19.32
CA GLN B 75 4.50 -3.31 -19.35
C GLN B 75 3.15 -2.56 -19.36
C GLN B 75 3.15 -2.57 -19.38
N GLY B 76 2.05 -3.30 -19.18
CA GLY B 76 0.72 -2.70 -19.22
C GLY B 76 0.30 -2.01 -17.91
N GLN B 77 1.16 -2.04 -16.86
CA GLN B 77 0.88 -1.37 -15.60
C GLN B 77 1.28 0.11 -15.68
N GLY B 78 0.39 0.99 -15.17
CA GLY B 78 0.66 2.42 -15.12
C GLY B 78 0.48 3.09 -13.76
N TYR B 79 -0.05 2.35 -12.77
CA TYR B 79 -0.32 2.88 -11.45
C TYR B 79 0.15 1.85 -10.44
N PRO B 80 0.75 2.29 -9.29
CA PRO B 80 1.13 1.34 -8.26
C PRO B 80 -0.04 0.48 -7.75
N HIS B 81 0.24 -0.81 -7.57
CA HIS B 81 -0.64 -1.73 -6.85
C HIS B 81 -1.99 -1.96 -7.53
N THR B 82 -2.03 -1.90 -8.89
CA THR B 82 -3.17 -2.43 -9.61
C THR B 82 -2.92 -3.93 -9.87
N PRO B 83 -3.96 -4.78 -9.90
CA PRO B 83 -3.75 -6.21 -10.09
C PRO B 83 -3.42 -6.54 -11.54
N GLY B 84 -2.68 -7.64 -11.72
CA GLY B 84 -2.44 -8.12 -13.08
C GLY B 84 -3.17 -9.44 -13.35
N ILE B 85 -3.08 -9.87 -14.63
CA ILE B 85 -3.64 -11.18 -15.01
C ILE B 85 -2.64 -11.88 -15.94
N HIS B 86 -1.36 -11.86 -15.54
CA HIS B 86 -0.32 -12.44 -16.37
C HIS B 86 0.49 -13.51 -15.64
N SER B 87 0.33 -13.72 -14.32
CA SER B 87 1.14 -14.69 -13.59
C SER B 87 0.24 -15.75 -12.96
N PRO B 88 0.75 -16.97 -12.67
N PRO B 88 0.76 -16.96 -12.62
CA PRO B 88 -0.05 -17.96 -11.96
CA PRO B 88 -0.08 -17.95 -11.97
C PRO B 88 -0.58 -17.44 -10.62
C PRO B 88 -0.55 -17.53 -10.57
N GLU B 89 0.27 -16.69 -9.91
CA GLU B 89 -0.09 -16.17 -8.60
C GLU B 89 -1.28 -15.21 -8.75
N GLN B 90 -1.27 -14.41 -9.83
CA GLN B 90 -2.39 -13.50 -10.05
C GLN B 90 -3.65 -14.28 -10.38
N VAL B 91 -3.52 -15.35 -11.19
CA VAL B 91 -4.71 -16.12 -11.54
C VAL B 91 -5.31 -16.68 -10.26
N ALA B 92 -4.47 -17.21 -9.38
CA ALA B 92 -4.97 -17.82 -8.15
C ALA B 92 -5.65 -16.79 -7.24
N GLY B 93 -5.10 -15.57 -7.19
CA GLY B 93 -5.70 -14.50 -6.41
C GLY B 93 -7.06 -14.11 -6.94
N TRP B 94 -7.15 -14.05 -8.27
CA TRP B 94 -8.43 -13.71 -8.88
C TRP B 94 -9.43 -14.84 -8.68
N LYS B 95 -8.94 -16.08 -8.62
CA LYS B 95 -9.86 -17.18 -8.39
C LYS B 95 -10.54 -17.02 -7.02
N LEU B 96 -9.85 -16.47 -6.02
CA LEU B 96 -10.53 -16.19 -4.75
C LEU B 96 -11.74 -15.25 -4.99
N VAL B 97 -11.53 -14.22 -5.81
CA VAL B 97 -12.60 -13.28 -6.12
C VAL B 97 -13.74 -13.95 -6.92
N THR B 98 -13.41 -14.72 -7.97
CA THR B 98 -14.50 -15.29 -8.75
C THR B 98 -15.23 -16.38 -7.96
N ASP B 99 -14.50 -17.10 -7.09
CA ASP B 99 -15.16 -18.07 -6.21
C ASP B 99 -16.18 -17.35 -5.33
N THR B 100 -15.77 -16.26 -4.67
CA THR B 100 -16.68 -15.56 -3.76
C THR B 100 -17.88 -15.01 -4.53
N VAL B 101 -17.62 -14.34 -5.66
CA VAL B 101 -18.72 -13.77 -6.44
C VAL B 101 -19.72 -14.87 -6.78
N HIS B 102 -19.21 -16.03 -7.24
CA HIS B 102 -20.12 -17.10 -7.65
C HIS B 102 -20.87 -17.65 -6.45
N GLN B 103 -20.17 -17.80 -5.30
CA GLN B 103 -20.84 -18.29 -4.10
C GLN B 103 -21.94 -17.32 -3.69
N GLN B 104 -21.79 -16.02 -4.03
CA GLN B 104 -22.82 -15.04 -3.70
C GLN B 104 -23.89 -14.96 -4.79
N GLY B 105 -23.80 -15.79 -5.83
CA GLY B 105 -24.83 -15.83 -6.87
C GLY B 105 -24.65 -14.75 -7.93
N GLY B 106 -23.46 -14.13 -7.97
CA GLY B 106 -23.17 -13.07 -8.92
C GLY B 106 -22.46 -13.54 -10.20
N ARG B 107 -22.21 -12.57 -11.09
CA ARG B 107 -21.50 -12.79 -12.36
C ARG B 107 -20.47 -11.69 -12.50
N ILE B 108 -19.27 -12.02 -13.03
CA ILE B 108 -18.19 -11.04 -13.07
C ILE B 108 -17.36 -11.23 -14.34
N PHE B 109 -17.11 -10.12 -15.02
CA PHE B 109 -16.16 -10.10 -16.15
C PHE B 109 -14.90 -9.37 -15.71
N LEU B 110 -13.72 -9.70 -16.27
CA LEU B 110 -12.48 -9.03 -15.95
C LEU B 110 -12.23 -7.97 -17.02
N GLN B 111 -11.93 -6.73 -16.64
CA GLN B 111 -11.51 -5.73 -17.63
C GLN B 111 -10.01 -5.85 -17.90
N LEU B 112 -9.66 -6.10 -19.20
CA LEU B 112 -8.30 -6.38 -19.62
C LEU B 112 -7.63 -5.08 -20.06
N TRP B 113 -6.47 -4.77 -19.46
CA TRP B 113 -5.86 -3.45 -19.54
C TRP B 113 -4.42 -3.50 -20.09
N HIS B 114 -4.09 -2.44 -20.84
CA HIS B 114 -2.69 -2.08 -21.06
C HIS B 114 -2.68 -0.55 -21.09
N VAL B 115 -1.91 0.05 -20.19
CA VAL B 115 -1.95 1.51 -20.08
C VAL B 115 -1.21 2.23 -21.21
N GLY B 116 -0.37 1.52 -22.00
CA GLY B 116 0.37 2.21 -23.05
C GLY B 116 1.22 3.33 -22.43
N ARG B 117 1.12 4.55 -22.96
CA ARG B 117 1.97 5.67 -22.54
C ARG B 117 1.71 6.15 -21.11
N ILE B 118 0.55 5.75 -20.53
CA ILE B 118 0.18 6.30 -19.21
C ILE B 118 0.82 5.46 -18.10
N SER B 119 2.12 5.67 -17.91
CA SER B 119 2.90 4.87 -16.97
C SER B 119 4.16 5.66 -16.66
N HIS B 120 5.17 4.98 -16.09
CA HIS B 120 6.46 5.59 -15.86
C HIS B 120 7.50 4.47 -15.88
N PRO B 121 8.76 4.74 -16.27
CA PRO B 121 9.81 3.73 -16.17
C PRO B 121 9.91 3.00 -14.83
N ASP B 122 9.60 3.68 -13.70
CA ASP B 122 9.69 3.03 -12.40
C ASP B 122 8.70 1.87 -12.26
N LEU B 123 7.64 1.86 -13.09
CA LEU B 123 6.68 0.76 -13.05
C LEU B 123 6.91 -0.26 -14.16
N GLN B 124 7.92 -0.02 -14.99
CA GLN B 124 8.14 -0.87 -16.16
C GLN B 124 9.26 -1.87 -15.90
N PRO B 125 9.22 -3.06 -16.55
CA PRO B 125 10.35 -4.00 -16.44
C PRO B 125 11.67 -3.36 -16.85
N ASP B 126 12.71 -3.58 -16.01
CA ASP B 126 14.07 -3.11 -16.26
C ASP B 126 14.14 -1.60 -16.42
N GLY B 127 13.12 -0.89 -15.92
CA GLY B 127 13.16 0.57 -16.00
C GLY B 127 13.04 1.08 -17.44
N GLY B 128 12.43 0.28 -18.34
CA GLY B 128 12.26 0.65 -19.73
C GLY B 128 11.19 1.72 -19.94
N LEU B 129 11.16 2.28 -21.16
CA LEU B 129 10.14 3.24 -21.53
C LEU B 129 8.78 2.56 -21.67
N PRO B 130 7.69 3.23 -21.21
CA PRO B 130 6.34 2.84 -21.61
C PRO B 130 6.23 2.78 -23.12
N VAL B 131 5.34 1.93 -23.61
CA VAL B 131 5.16 1.81 -25.07
C VAL B 131 3.84 2.44 -25.51
N ALA B 132 3.75 2.79 -26.79
CA ALA B 132 2.62 3.56 -27.28
C ALA B 132 2.60 3.54 -28.80
N PRO B 133 1.54 4.03 -29.47
CA PRO B 133 1.60 4.06 -30.94
C PRO B 133 2.59 5.12 -31.39
N SER B 134 2.69 6.26 -30.66
CA SER B 134 3.55 7.35 -31.10
C SER B 134 4.28 7.92 -29.89
N ALA B 135 5.45 8.53 -30.14
CA ALA B 135 6.29 9.06 -29.07
C ALA B 135 5.84 10.47 -28.69
N ILE B 136 4.73 10.54 -27.92
N ILE B 136 4.79 10.54 -27.87
CA ILE B 136 4.15 11.76 -27.40
CA ILE B 136 4.27 11.82 -27.44
C ILE B 136 4.07 11.59 -25.90
C ILE B 136 3.97 11.71 -25.95
N ALA B 137 4.74 12.46 -25.15
CA ALA B 137 4.60 12.45 -23.70
C ALA B 137 3.22 12.95 -23.27
N PRO B 138 2.55 12.24 -22.32
CA PRO B 138 1.41 12.84 -21.64
C PRO B 138 1.85 14.04 -20.81
N LYS B 139 0.92 14.98 -20.55
CA LYS B 139 1.22 16.15 -19.75
C LYS B 139 1.01 15.86 -18.28
N GLY B 140 1.80 16.57 -17.47
CA GLY B 140 1.71 16.58 -16.01
C GLY B 140 2.55 15.48 -15.33
N GLU B 141 2.02 14.93 -14.23
CA GLU B 141 2.82 14.07 -13.36
C GLU B 141 2.13 12.73 -13.20
N VAL B 142 2.94 11.70 -12.92
CA VAL B 142 2.44 10.35 -12.74
C VAL B 142 2.94 9.84 -11.39
N LEU B 143 2.07 9.10 -10.66
CA LEU B 143 2.47 8.53 -9.38
C LEU B 143 3.37 7.31 -9.55
N THR B 144 4.47 7.30 -8.80
CA THR B 144 5.36 6.15 -8.77
C THR B 144 5.48 5.71 -7.31
N TYR B 145 6.27 4.66 -7.04
CA TYR B 145 6.46 4.22 -5.65
C TYR B 145 7.19 5.28 -4.83
N GLU B 146 8.00 6.09 -5.52
CA GLU B 146 8.84 7.12 -4.91
C GLU B 146 8.13 8.47 -4.88
N GLY B 147 6.89 8.56 -5.38
CA GLY B 147 6.16 9.81 -5.34
C GLY B 147 5.78 10.28 -6.76
N LYS B 148 5.30 11.53 -6.91
CA LYS B 148 4.87 11.96 -8.23
C LYS B 148 6.09 12.45 -9.00
N LYS B 149 6.14 12.10 -10.29
CA LYS B 149 7.24 12.41 -11.17
C LYS B 149 6.68 12.88 -12.51
N PRO B 150 7.44 13.66 -13.30
CA PRO B 150 7.00 13.98 -14.65
C PRO B 150 6.87 12.72 -15.53
N TYR B 151 5.85 12.72 -16.39
CA TYR B 151 5.82 11.67 -17.39
C TYR B 151 7.03 11.78 -18.32
N VAL B 152 7.47 10.62 -18.84
CA VAL B 152 8.49 10.57 -19.90
C VAL B 152 7.82 10.39 -21.26
N THR B 153 8.63 10.53 -22.32
CA THR B 153 8.10 10.24 -23.65
C THR B 153 8.08 8.74 -23.86
N PRO B 154 6.95 8.12 -24.26
CA PRO B 154 6.94 6.68 -24.52
C PRO B 154 7.71 6.34 -25.79
N ARG B 155 8.11 5.06 -25.89
CA ARG B 155 8.64 4.54 -27.16
C ARG B 155 7.47 4.16 -28.09
N ALA B 156 7.57 4.56 -29.38
CA ALA B 156 6.60 4.11 -30.37
C ALA B 156 6.90 2.65 -30.72
N LEU B 157 5.87 1.81 -30.67
CA LEU B 157 6.08 0.40 -31.01
C LEU B 157 6.50 0.25 -32.47
N ASP B 158 7.41 -0.70 -32.71
CA ASP B 158 7.69 -1.07 -34.10
C ASP B 158 6.48 -1.80 -34.69
N THR B 159 6.28 -1.72 -36.02
CA THR B 159 5.20 -2.47 -36.66
C THR B 159 5.29 -3.95 -36.29
N SER B 160 6.53 -4.46 -36.23
CA SER B 160 6.73 -5.88 -35.97
C SER B 160 6.38 -6.28 -34.53
N GLU B 161 6.25 -5.30 -33.62
CA GLU B 161 5.91 -5.59 -32.22
C GLU B 161 4.40 -5.66 -32.01
N ILE B 162 3.58 -5.27 -33.01
CA ILE B 162 2.15 -5.25 -32.72
C ILE B 162 1.61 -6.65 -32.44
N PRO B 163 2.05 -7.71 -33.18
CA PRO B 163 1.66 -9.05 -32.83
C PRO B 163 1.90 -9.44 -31.37
N ALA B 164 3.00 -8.94 -30.79
CA ALA B 164 3.29 -9.26 -29.38
C ALA B 164 2.26 -8.62 -28.44
N ILE B 165 1.79 -7.41 -28.79
CA ILE B 165 0.75 -6.74 -27.98
C ILE B 165 -0.53 -7.57 -28.04
N VAL B 166 -0.94 -7.95 -29.27
CA VAL B 166 -2.14 -8.77 -29.41
C VAL B 166 -2.03 -10.07 -28.61
N GLU B 167 -0.86 -10.71 -28.69
CA GLU B 167 -0.60 -11.95 -27.95
C GLU B 167 -0.66 -11.74 -26.44
N GLN B 168 -0.20 -10.57 -25.95
CA GLN B 168 -0.29 -10.32 -24.51
C GLN B 168 -1.76 -10.19 -24.07
N TYR B 169 -2.57 -9.53 -24.89
CA TYR B 169 -4.01 -9.54 -24.61
C TYR B 169 -4.63 -10.94 -24.67
N ARG B 170 -4.27 -11.74 -25.70
CA ARG B 170 -4.76 -13.11 -25.81
C ARG B 170 -4.41 -13.90 -24.55
N GLN B 171 -3.16 -13.78 -24.10
CA GLN B 171 -2.73 -14.49 -22.90
C GLN B 171 -3.45 -13.99 -21.65
N GLY B 172 -3.65 -12.66 -21.56
CA GLY B 172 -4.41 -12.17 -20.44
C GLY B 172 -5.82 -12.75 -20.42
N ALA B 173 -6.45 -12.82 -21.61
CA ALA B 173 -7.78 -13.39 -21.69
C ALA B 173 -7.81 -14.86 -21.30
N ALA B 174 -6.77 -15.63 -21.70
CA ALA B 174 -6.67 -17.04 -21.36
C ALA B 174 -6.49 -17.20 -19.86
N ASN B 175 -5.66 -16.34 -19.28
CA ASN B 175 -5.49 -16.35 -17.82
C ASN B 175 -6.81 -16.06 -17.11
N ALA B 176 -7.60 -15.09 -17.62
CA ALA B 176 -8.88 -14.76 -16.99
C ALA B 176 -9.80 -15.97 -17.03
N LEU B 177 -9.78 -16.75 -18.16
CA LEU B 177 -10.61 -17.94 -18.26
C LEU B 177 -10.19 -18.93 -17.17
N ALA B 178 -8.87 -19.13 -16.99
CA ALA B 178 -8.38 -20.03 -15.95
C ALA B 178 -8.71 -19.53 -14.54
N ALA B 179 -8.90 -18.22 -14.35
CA ALA B 179 -9.28 -17.66 -13.06
C ALA B 179 -10.77 -17.82 -12.76
N GLY B 180 -11.54 -18.35 -13.71
CA GLY B 180 -12.96 -18.60 -13.49
C GLY B 180 -13.89 -17.39 -13.67
N PHE B 181 -13.47 -16.33 -14.39
CA PHE B 181 -14.40 -15.26 -14.76
C PHE B 181 -15.52 -15.80 -15.66
N ASP B 182 -16.60 -15.02 -15.71
CA ASP B 182 -17.69 -15.31 -16.63
C ASP B 182 -17.45 -14.74 -18.02
N GLY B 183 -16.51 -13.80 -18.12
CA GLY B 183 -16.25 -13.13 -19.40
C GLY B 183 -15.15 -12.10 -19.18
N VAL B 184 -14.86 -11.31 -20.22
CA VAL B 184 -13.84 -10.26 -20.19
C VAL B 184 -14.38 -9.02 -20.90
N GLU B 185 -13.83 -7.87 -20.51
CA GLU B 185 -14.09 -6.62 -21.21
C GLU B 185 -12.77 -6.05 -21.68
N ILE B 186 -12.68 -5.69 -22.95
CA ILE B 186 -11.48 -5.08 -23.50
C ILE B 186 -11.53 -3.58 -23.22
N HIS B 187 -10.54 -3.10 -22.44
CA HIS B 187 -10.51 -1.67 -22.14
C HIS B 187 -9.95 -0.90 -23.34
N ALA B 188 -10.85 -0.36 -24.17
CA ALA B 188 -10.47 0.43 -25.32
C ALA B 188 -10.84 1.90 -25.11
N ALA B 189 -10.86 2.31 -23.82
CA ALA B 189 -11.34 3.63 -23.40
C ALA B 189 -10.27 4.38 -22.60
N ASN B 190 -10.65 5.62 -22.20
CA ASN B 190 -9.94 6.43 -21.21
C ASN B 190 -8.50 6.76 -21.55
N GLY B 191 -8.13 6.66 -22.84
CA GLY B 191 -6.81 7.07 -23.26
C GLY B 191 -5.72 6.04 -22.95
N TYR B 192 -6.10 4.77 -22.70
CA TYR B 192 -5.08 3.72 -22.55
C TYR B 192 -4.69 3.14 -23.93
N LEU B 193 -3.93 2.03 -23.96
CA LEU B 193 -3.12 1.68 -25.14
C LEU B 193 -3.98 1.62 -26.41
N ILE B 194 -5.10 0.86 -26.34
CA ILE B 194 -5.90 0.63 -27.54
C ILE B 194 -6.49 1.98 -27.99
N ASP B 195 -6.97 2.78 -27.02
CA ASP B 195 -7.54 4.10 -27.27
C ASP B 195 -6.48 5.02 -27.88
N GLN B 196 -5.23 4.90 -27.42
CA GLN B 196 -4.14 5.73 -27.97
C GLN B 196 -3.99 5.46 -29.48
N PHE B 197 -4.14 4.18 -29.88
CA PHE B 197 -4.10 3.85 -31.31
C PHE B 197 -5.36 4.37 -32.02
N LEU B 198 -6.53 4.30 -31.37
N LEU B 198 -6.52 4.33 -31.37
CA LEU B 198 -7.78 4.68 -32.03
CA LEU B 198 -7.75 4.68 -32.08
C LEU B 198 -7.80 6.15 -32.43
C LEU B 198 -7.84 6.17 -32.43
N ARG B 199 -7.33 7.03 -31.55
CA ARG B 199 -7.58 8.48 -31.68
C ARG B 199 -6.39 9.17 -32.33
N ASP B 200 -6.68 10.09 -33.24
CA ASP B 200 -5.60 10.71 -34.00
C ASP B 200 -4.75 11.68 -33.18
N GLY B 201 -5.23 12.06 -31.99
CA GLY B 201 -4.41 12.96 -31.19
C GLY B 201 -3.18 12.27 -30.61
N THR B 202 -3.27 10.95 -30.45
CA THR B 202 -2.22 10.14 -29.84
C THR B 202 -1.51 9.24 -30.84
N ASN B 203 -2.05 9.14 -32.07
CA ASN B 203 -1.54 8.22 -33.09
C ASN B 203 -1.15 9.01 -34.34
N GLN B 204 0.17 9.14 -34.57
CA GLN B 204 0.71 9.77 -35.77
C GLN B 204 1.52 8.75 -36.59
N ARG B 205 1.16 7.46 -36.49
CA ARG B 205 1.92 6.41 -37.15
C ARG B 205 1.70 6.50 -38.67
N THR B 206 2.67 5.96 -39.43
CA THR B 206 2.60 5.97 -40.89
C THR B 206 2.60 4.56 -41.46
N ASP B 207 2.40 3.56 -40.60
CA ASP B 207 2.23 2.17 -41.02
C ASP B 207 0.73 1.84 -41.06
N GLU B 208 0.43 0.53 -41.08
N GLU B 208 0.37 0.55 -41.12
CA GLU B 208 -0.94 0.02 -41.24
CA GLU B 208 -1.03 0.19 -41.31
C GLU B 208 -1.77 0.22 -39.96
C GLU B 208 -1.80 0.29 -39.98
N TYR B 209 -1.16 0.82 -38.91
CA TYR B 209 -1.84 1.05 -37.62
C TYR B 209 -2.07 2.53 -37.36
N GLY B 210 -1.76 3.41 -38.32
CA GLY B 210 -2.04 4.83 -38.20
C GLY B 210 -2.67 5.40 -39.48
N GLY B 211 -3.14 6.64 -39.37
CA GLY B 211 -3.68 7.32 -40.53
C GLY B 211 -5.18 7.13 -40.68
N ALA B 212 -5.55 6.33 -41.68
CA ALA B 212 -6.95 6.10 -42.00
C ALA B 212 -7.63 5.41 -40.83
N ILE B 213 -8.95 5.60 -40.75
CA ILE B 213 -9.72 5.02 -39.65
C ILE B 213 -9.56 3.50 -39.58
N GLU B 214 -9.50 2.80 -40.73
CA GLU B 214 -9.40 1.34 -40.66
C GLU B 214 -8.06 0.95 -40.04
N ASN B 215 -7.04 1.80 -40.20
CA ASN B 215 -5.73 1.52 -39.64
C ASN B 215 -5.73 1.84 -38.15
N ARG B 216 -6.37 2.96 -37.74
CA ARG B 216 -6.38 3.29 -36.30
C ARG B 216 -7.20 2.27 -35.52
N ALA B 217 -8.22 1.69 -36.17
CA ALA B 217 -9.08 0.71 -35.52
C ALA B 217 -8.45 -0.69 -35.50
N ARG B 218 -7.37 -0.84 -36.28
CA ARG B 218 -6.82 -2.18 -36.51
C ARG B 218 -6.38 -2.88 -35.22
N LEU B 219 -5.67 -2.21 -34.31
CA LEU B 219 -5.27 -2.89 -33.09
C LEU B 219 -6.49 -3.40 -32.32
N LEU B 220 -7.50 -2.55 -32.13
CA LEU B 220 -8.70 -2.99 -31.38
C LEU B 220 -9.28 -4.25 -32.05
N LEU B 221 -9.40 -4.20 -33.39
CA LEU B 221 -10.00 -5.33 -34.09
C LEU B 221 -9.16 -6.61 -34.03
N GLU B 222 -7.82 -6.49 -34.04
CA GLU B 222 -6.97 -7.67 -33.93
C GLU B 222 -7.01 -8.23 -32.50
N VAL B 223 -7.06 -7.34 -31.51
CA VAL B 223 -7.16 -7.79 -30.12
C VAL B 223 -8.49 -8.51 -29.91
N THR B 224 -9.58 -7.95 -30.47
CA THR B 224 -10.91 -8.56 -30.33
C THR B 224 -10.92 -9.96 -30.98
N GLU B 225 -10.37 -10.08 -32.21
N GLU B 225 -10.38 -10.06 -32.21
CA GLU B 225 -10.29 -11.36 -32.90
CA GLU B 225 -10.25 -11.32 -32.91
C GLU B 225 -9.51 -12.38 -32.05
C GLU B 225 -9.52 -12.36 -32.04
N ALA B 226 -8.37 -11.95 -31.49
CA ALA B 226 -7.59 -12.89 -30.67
C ALA B 226 -8.39 -13.33 -29.44
N ILE B 227 -9.04 -12.38 -28.79
CA ILE B 227 -9.72 -12.75 -27.54
C ILE B 227 -10.96 -13.61 -27.80
N THR B 228 -11.66 -13.40 -28.95
CA THR B 228 -12.82 -14.20 -29.28
C THR B 228 -12.40 -15.60 -29.78
N SER B 229 -11.09 -15.88 -29.90
CA SER B 229 -10.59 -17.22 -30.14
C SER B 229 -10.33 -17.97 -28.83
N VAL B 230 -10.32 -17.23 -27.71
CA VAL B 230 -10.15 -17.78 -26.37
C VAL B 230 -11.51 -17.99 -25.70
N TRP B 231 -12.37 -16.98 -25.80
CA TRP B 231 -13.67 -16.99 -25.16
C TRP B 231 -14.75 -17.09 -26.22
N ASP B 232 -15.87 -17.74 -25.87
N ASP B 232 -15.88 -17.72 -25.86
CA ASP B 232 -17.01 -17.56 -26.73
CA ASP B 232 -17.10 -17.53 -26.65
C ASP B 232 -17.28 -16.07 -26.84
C ASP B 232 -17.30 -16.03 -26.82
N SER B 233 -17.60 -15.58 -28.05
CA SER B 233 -17.67 -14.15 -28.30
C SER B 233 -18.72 -13.43 -27.43
N GLN B 234 -19.78 -14.14 -27.05
N GLN B 234 -19.78 -14.16 -27.06
CA GLN B 234 -20.85 -13.53 -26.27
CA GLN B 234 -20.86 -13.63 -26.25
C GLN B 234 -20.42 -13.40 -24.80
C GLN B 234 -20.40 -13.35 -24.83
N ARG B 235 -19.15 -13.73 -24.50
CA ARG B 235 -18.58 -13.46 -23.18
C ARG B 235 -17.48 -12.40 -23.30
N VAL B 236 -17.41 -11.67 -24.42
CA VAL B 236 -16.38 -10.68 -24.64
C VAL B 236 -17.07 -9.35 -24.91
N GLY B 237 -16.80 -8.36 -24.06
CA GLY B 237 -17.27 -7.00 -24.33
C GLY B 237 -16.13 -6.04 -24.67
N VAL B 238 -16.50 -4.85 -25.17
CA VAL B 238 -15.53 -3.81 -25.47
C VAL B 238 -16.03 -2.51 -24.83
N ARG B 239 -15.11 -1.75 -24.21
CA ARG B 239 -15.46 -0.44 -23.68
C ARG B 239 -14.78 0.69 -24.46
N LEU B 240 -15.61 1.71 -24.83
CA LEU B 240 -15.14 2.92 -25.49
C LEU B 240 -15.57 4.14 -24.68
N SER B 241 -14.90 5.27 -24.92
CA SER B 241 -15.29 6.50 -24.23
C SER B 241 -15.17 7.68 -25.18
N PRO B 242 -16.07 7.76 -26.19
CA PRO B 242 -15.88 8.60 -27.37
C PRO B 242 -15.46 10.06 -27.15
N LEU B 243 -15.88 10.67 -26.02
CA LEU B 243 -15.63 12.10 -25.83
C LEU B 243 -14.90 12.40 -24.51
N THR B 244 -14.28 11.38 -23.92
CA THR B 244 -13.39 11.71 -22.80
C THR B 244 -12.18 12.51 -23.32
N THR B 245 -11.60 13.33 -22.43
CA THR B 245 -10.32 13.99 -22.69
C THR B 245 -9.28 13.49 -21.69
N LEU B 246 -9.66 12.47 -20.92
CA LEU B 246 -8.80 11.78 -19.96
C LEU B 246 -7.47 11.38 -20.61
N ASN B 247 -6.38 11.60 -19.86
CA ASN B 247 -5.07 11.12 -20.28
C ASN B 247 -4.63 11.70 -21.63
N GLY B 248 -5.10 12.90 -21.97
CA GLY B 248 -4.64 13.60 -23.16
C GLY B 248 -4.99 12.91 -24.47
N CYS B 249 -6.05 12.08 -24.49
CA CYS B 249 -6.36 11.26 -25.66
C CYS B 249 -7.66 11.76 -26.28
N VAL B 250 -7.57 12.44 -27.43
N VAL B 250 -7.54 12.42 -27.44
CA VAL B 250 -8.77 12.94 -28.08
CA VAL B 250 -8.66 13.06 -28.12
C VAL B 250 -8.66 12.77 -29.59
C VAL B 250 -8.62 12.72 -29.61
N ASP B 251 -9.81 12.51 -30.22
CA ASP B 251 -9.86 12.33 -31.66
C ASP B 251 -10.49 13.55 -32.31
N SER B 252 -9.97 13.93 -33.52
CA SER B 252 -10.46 15.13 -34.18
C SER B 252 -11.81 14.94 -34.90
N HIS B 253 -12.21 13.69 -35.20
CA HIS B 253 -13.51 13.45 -35.84
C HIS B 253 -14.24 12.33 -35.09
N PRO B 254 -14.62 12.57 -33.81
CA PRO B 254 -15.10 11.47 -32.96
C PRO B 254 -16.33 10.74 -33.50
N LEU B 255 -17.28 11.48 -34.09
CA LEU B 255 -18.47 10.80 -34.60
C LEU B 255 -18.08 9.79 -35.67
N GLU B 256 -17.21 10.21 -36.59
CA GLU B 256 -16.76 9.32 -37.68
C GLU B 256 -15.93 8.16 -37.11
N THR B 257 -15.05 8.43 -36.15
CA THR B 257 -14.17 7.40 -35.65
C THR B 257 -14.96 6.36 -34.84
N PHE B 258 -15.78 6.86 -33.90
CA PHE B 258 -16.48 5.93 -33.02
C PHE B 258 -17.65 5.27 -33.72
N GLY B 259 -18.31 5.98 -34.68
CA GLY B 259 -19.37 5.29 -35.40
C GLY B 259 -18.81 4.17 -36.25
N TYR B 260 -17.62 4.36 -36.83
CA TYR B 260 -16.99 3.29 -37.62
C TYR B 260 -16.69 2.10 -36.71
N VAL B 261 -16.13 2.36 -35.50
CA VAL B 261 -15.77 1.23 -34.66
C VAL B 261 -17.03 0.46 -34.23
N ALA B 262 -18.10 1.18 -33.89
CA ALA B 262 -19.32 0.51 -33.46
C ALA B 262 -19.82 -0.46 -34.55
N GLN B 263 -19.85 0.00 -35.81
CA GLN B 263 -20.25 -0.89 -36.89
C GLN B 263 -19.27 -2.03 -37.11
N ALA B 264 -17.95 -1.74 -37.01
CA ALA B 264 -16.94 -2.74 -37.32
C ALA B 264 -16.95 -3.87 -36.28
N LEU B 265 -17.45 -3.59 -35.06
CA LEU B 265 -17.47 -4.64 -34.06
C LEU B 265 -18.63 -5.64 -34.26
N ASN B 266 -19.61 -5.31 -35.11
CA ASN B 266 -20.78 -6.16 -35.18
C ASN B 266 -20.42 -7.60 -35.62
N ARG B 267 -19.48 -7.73 -36.55
CA ARG B 267 -19.22 -9.06 -37.06
C ARG B 267 -18.61 -10.01 -36.02
N PHE B 268 -18.18 -9.50 -34.85
CA PHE B 268 -17.58 -10.36 -33.85
C PHE B 268 -18.62 -11.01 -32.93
N ASN B 269 -19.91 -10.60 -33.02
N ASN B 269 -19.89 -10.57 -33.03
CA ASN B 269 -20.98 -11.16 -32.19
CA ASN B 269 -20.99 -11.12 -32.22
C ASN B 269 -20.60 -11.07 -30.71
C ASN B 269 -20.63 -11.05 -30.74
N LEU B 270 -20.21 -9.87 -30.27
CA LEU B 270 -19.74 -9.67 -28.90
C LEU B 270 -20.87 -9.73 -27.87
N SER B 271 -20.45 -9.87 -26.63
CA SER B 271 -21.34 -9.78 -25.46
C SER B 271 -22.07 -8.44 -25.44
N TYR B 272 -21.28 -7.38 -25.62
CA TYR B 272 -21.86 -6.04 -25.56
C TYR B 272 -20.82 -5.02 -26.00
N LEU B 273 -21.32 -3.80 -26.23
CA LEU B 273 -20.52 -2.59 -26.34
C LEU B 273 -20.89 -1.69 -25.17
N HIS B 274 -19.86 -1.21 -24.46
CA HIS B 274 -20.03 -0.42 -23.25
C HIS B 274 -19.47 0.98 -23.51
N ILE B 275 -20.33 1.99 -23.34
CA ILE B 275 -19.94 3.36 -23.60
C ILE B 275 -19.92 4.14 -22.27
N PHE B 276 -18.75 4.71 -21.96
CA PHE B 276 -18.66 5.74 -20.92
C PHE B 276 -18.85 7.08 -21.62
N GLU B 277 -19.99 7.71 -21.30
CA GLU B 277 -20.39 9.00 -21.86
C GLU B 277 -19.75 10.06 -20.98
N ALA B 278 -18.74 10.74 -21.51
CA ALA B 278 -17.97 11.71 -20.75
C ALA B 278 -18.92 12.71 -20.12
N ILE B 279 -18.58 13.11 -18.91
CA ILE B 279 -19.48 13.90 -18.07
C ILE B 279 -19.73 15.27 -18.71
N ASP B 280 -18.74 15.80 -19.42
CA ASP B 280 -18.86 17.13 -20.00
C ASP B 280 -19.21 17.07 -21.48
N ALA B 281 -19.66 15.90 -21.96
CA ALA B 281 -19.88 15.67 -23.38
C ALA B 281 -20.77 16.77 -23.97
N ASP B 282 -21.84 17.08 -23.24
CA ASP B 282 -22.87 17.98 -23.75
C ASP B 282 -22.56 19.45 -23.44
N ILE B 283 -21.50 19.76 -22.67
CA ILE B 283 -21.23 21.12 -22.20
C ILE B 283 -20.07 21.73 -22.99
N ARG B 284 -19.16 20.86 -23.48
CA ARG B 284 -17.86 21.20 -24.06
C ARG B 284 -18.09 21.70 -25.48
N HIS B 285 -18.46 20.74 -26.34
CA HIS B 285 -18.98 21.00 -27.67
C HIS B 285 -20.43 21.43 -27.50
N GLY B 286 -20.86 22.48 -28.20
CA GLY B 286 -22.25 22.92 -28.16
C GLY B 286 -23.21 21.78 -28.51
N GLY B 287 -23.59 21.00 -27.49
CA GLY B 287 -24.27 19.73 -27.68
C GLY B 287 -23.26 18.63 -28.00
N THR B 288 -23.53 17.43 -27.49
CA THR B 288 -22.59 16.33 -27.67
C THR B 288 -22.40 16.05 -29.17
N VAL B 289 -21.13 15.95 -29.59
CA VAL B 289 -20.84 15.70 -30.99
C VAL B 289 -20.96 14.20 -31.28
N VAL B 290 -21.11 13.37 -30.24
CA VAL B 290 -21.25 11.92 -30.42
C VAL B 290 -22.41 11.47 -29.55
N PRO B 291 -23.68 11.68 -29.94
CA PRO B 291 -24.77 11.17 -29.13
C PRO B 291 -24.73 9.65 -29.13
N THR B 292 -24.94 9.05 -27.96
CA THR B 292 -24.91 7.61 -27.83
C THR B 292 -25.92 6.95 -28.78
N SER B 293 -27.04 7.65 -29.04
CA SER B 293 -27.99 7.18 -30.02
C SER B 293 -27.32 6.79 -31.36
N HIS B 294 -26.28 7.53 -31.78
CA HIS B 294 -25.57 7.14 -32.99
C HIS B 294 -24.91 5.78 -32.86
N LEU B 295 -24.26 5.55 -31.73
CA LEU B 295 -23.58 4.27 -31.55
C LEU B 295 -24.61 3.15 -31.33
N ARG B 296 -25.75 3.46 -30.67
CA ARG B 296 -26.81 2.48 -30.53
C ARG B 296 -27.34 2.06 -31.90
N ASP B 297 -27.37 3.00 -32.87
CA ASP B 297 -27.82 2.69 -34.23
C ASP B 297 -26.78 1.85 -34.95
N ARG B 298 -25.48 2.10 -34.70
CA ARG B 298 -24.44 1.47 -35.50
C ARG B 298 -24.04 0.09 -34.96
N PHE B 299 -24.09 -0.13 -33.64
CA PHE B 299 -23.80 -1.45 -33.05
C PHE B 299 -25.14 -2.14 -32.76
N THR B 300 -25.33 -3.38 -33.24
CA THR B 300 -26.64 -4.02 -33.21
C THR B 300 -26.82 -4.90 -31.98
N GLY B 301 -25.77 -5.09 -31.18
CA GLY B 301 -25.89 -5.97 -30.02
C GLY B 301 -26.21 -5.21 -28.72
N THR B 302 -25.96 -5.86 -27.57
CA THR B 302 -26.27 -5.29 -26.25
C THR B 302 -25.44 -4.02 -26.04
N LEU B 303 -26.08 -2.93 -25.57
CA LEU B 303 -25.36 -1.69 -25.26
C LEU B 303 -25.48 -1.39 -23.77
N ILE B 304 -24.32 -1.15 -23.15
CA ILE B 304 -24.23 -0.68 -21.77
C ILE B 304 -23.85 0.79 -21.84
N VAL B 305 -24.58 1.62 -21.10
CA VAL B 305 -24.29 3.04 -21.07
C VAL B 305 -23.85 3.40 -19.65
N ASN B 306 -23.08 4.48 -19.52
CA ASN B 306 -22.49 4.81 -18.21
C ASN B 306 -22.16 6.30 -18.19
N GLY B 307 -22.24 6.88 -16.97
CA GLY B 307 -21.73 8.23 -16.77
C GLY B 307 -22.83 9.07 -16.10
N GLY B 308 -22.77 9.16 -14.76
CA GLY B 308 -23.71 9.99 -14.03
C GLY B 308 -25.16 9.45 -13.98
N TYR B 309 -25.36 8.14 -14.17
CA TYR B 309 -26.72 7.57 -14.11
C TYR B 309 -27.27 7.55 -12.68
N THR B 310 -28.60 7.55 -12.61
CA THR B 310 -29.40 7.50 -11.40
C THR B 310 -30.51 6.49 -11.64
N ARG B 311 -31.33 6.24 -10.61
CA ARG B 311 -32.50 5.41 -10.83
C ARG B 311 -33.32 5.96 -12.01
N GLU B 312 -33.59 7.26 -12.04
CA GLU B 312 -34.60 7.72 -12.98
C GLU B 312 -34.00 7.78 -14.40
N LYS B 313 -32.71 8.16 -14.50
N LYS B 313 -32.72 8.21 -14.49
CA LYS B 313 -32.05 8.26 -15.79
CA LYS B 313 -32.01 8.27 -15.76
C LYS B 313 -31.81 6.86 -16.35
C LYS B 313 -31.91 6.86 -16.33
N GLY B 314 -31.58 5.88 -15.47
CA GLY B 314 -31.39 4.51 -15.90
C GLY B 314 -32.71 3.92 -16.40
N ASP B 315 -33.80 4.20 -15.68
CA ASP B 315 -35.08 3.66 -16.09
C ASP B 315 -35.42 4.22 -17.47
N THR B 316 -35.15 5.52 -17.65
CA THR B 316 -35.58 6.19 -18.87
C THR B 316 -34.88 5.56 -20.08
N VAL B 317 -33.55 5.36 -19.97
CA VAL B 317 -32.82 4.86 -21.12
C VAL B 317 -33.23 3.44 -21.48
N ILE B 318 -33.56 2.63 -20.48
CA ILE B 318 -34.01 1.28 -20.74
C ILE B 318 -35.42 1.30 -21.35
N ALA B 319 -36.30 2.17 -20.85
CA ALA B 319 -37.67 2.17 -21.32
C ALA B 319 -37.74 2.70 -22.75
N ASN B 320 -36.85 3.65 -23.08
CA ASN B 320 -36.83 4.26 -24.41
C ASN B 320 -36.02 3.40 -25.41
N LYS B 321 -35.48 2.25 -24.99
CA LYS B 321 -34.68 1.41 -25.87
C LYS B 321 -33.35 2.06 -26.25
N ALA B 322 -32.88 3.08 -25.50
CA ALA B 322 -31.62 3.74 -25.78
C ALA B 322 -30.43 2.88 -25.37
N ALA B 323 -30.63 2.00 -24.37
CA ALA B 323 -29.59 1.08 -23.90
C ALA B 323 -30.25 -0.15 -23.31
N ASP B 324 -29.47 -1.24 -23.17
CA ASP B 324 -29.95 -2.47 -22.55
C ASP B 324 -29.56 -2.61 -21.07
N LEU B 325 -28.39 -2.07 -20.71
CA LEU B 325 -27.80 -2.18 -19.37
C LEU B 325 -27.22 -0.82 -19.02
N VAL B 326 -27.16 -0.55 -17.70
CA VAL B 326 -26.66 0.73 -17.22
C VAL B 326 -25.62 0.46 -16.15
N ALA B 327 -24.40 0.96 -16.39
CA ALA B 327 -23.32 0.74 -15.45
C ALA B 327 -23.17 1.96 -14.54
N PHE B 328 -22.91 1.66 -13.26
CA PHE B 328 -22.72 2.67 -12.22
C PHE B 328 -21.34 2.47 -11.62
N GLY B 329 -20.54 3.56 -11.60
CA GLY B 329 -19.22 3.51 -10.99
C GLY B 329 -19.27 4.02 -9.56
N THR B 330 -19.26 5.35 -9.45
CA THR B 330 -19.15 6.01 -8.15
C THR B 330 -20.15 5.40 -7.15
N LEU B 331 -21.41 5.24 -7.55
CA LEU B 331 -22.40 4.77 -6.57
C LEU B 331 -22.13 3.36 -6.08
N PHE B 332 -21.45 2.54 -6.89
CA PHE B 332 -21.11 1.19 -6.44
C PHE B 332 -19.91 1.21 -5.47
N ILE B 333 -19.04 2.22 -5.52
CA ILE B 333 -18.01 2.30 -4.48
C ILE B 333 -18.70 2.36 -3.12
N SER B 334 -19.65 3.27 -3.00
CA SER B 334 -20.19 3.60 -1.69
C SER B 334 -21.42 2.77 -1.30
N ASN B 335 -22.06 2.07 -2.24
CA ASN B 335 -23.30 1.34 -1.97
C ASN B 335 -23.14 -0.11 -2.43
N PRO B 336 -22.73 -1.04 -1.56
CA PRO B 336 -22.55 -2.43 -1.99
C PRO B 336 -23.87 -3.03 -2.50
N ASP B 337 -24.98 -2.64 -1.88
CA ASP B 337 -26.30 -3.12 -2.22
C ASP B 337 -27.02 -2.04 -3.03
N LEU B 338 -26.30 -1.48 -4.00
CA LEU B 338 -26.89 -0.44 -4.85
C LEU B 338 -28.21 -0.90 -5.49
N PRO B 339 -28.32 -2.12 -6.08
CA PRO B 339 -29.59 -2.53 -6.69
C PRO B 339 -30.80 -2.43 -5.75
N GLU B 340 -30.68 -3.03 -4.55
CA GLU B 340 -31.75 -2.93 -3.56
C GLU B 340 -32.07 -1.46 -3.24
N ARG B 341 -31.01 -0.65 -3.05
CA ARG B 341 -31.20 0.75 -2.67
C ARG B 341 -31.97 1.52 -3.74
N LEU B 342 -31.62 1.28 -5.01
CA LEU B 342 -32.30 1.94 -6.11
C LEU B 342 -33.74 1.47 -6.21
N GLU B 343 -33.94 0.16 -5.97
CA GLU B 343 -35.27 -0.41 -6.19
C GLU B 343 -36.29 0.13 -5.19
N VAL B 344 -35.85 0.41 -3.95
CA VAL B 344 -36.77 0.84 -2.91
C VAL B 344 -36.69 2.34 -2.68
N ASN B 345 -35.86 3.04 -3.48
CA ASN B 345 -35.73 4.49 -3.33
C ASN B 345 -35.18 4.84 -1.94
N ALA B 346 -34.19 4.06 -1.46
CA ALA B 346 -33.52 4.28 -0.19
C ALA B 346 -32.51 5.42 -0.27
N PRO B 347 -32.04 6.00 0.87
CA PRO B 347 -30.87 6.87 0.84
C PRO B 347 -29.69 6.15 0.22
N LEU B 348 -28.73 6.91 -0.32
CA LEU B 348 -27.50 6.34 -0.85
C LEU B 348 -26.34 6.85 -0.01
N ASN B 349 -25.38 5.96 0.32
CA ASN B 349 -24.20 6.41 1.03
C ASN B 349 -23.38 7.30 0.09
N GLN B 350 -22.70 8.31 0.65
CA GLN B 350 -21.86 9.21 -0.10
C GLN B 350 -20.46 8.61 -0.26
N ALA B 351 -19.97 8.53 -1.52
CA ALA B 351 -18.62 8.04 -1.79
C ALA B 351 -17.59 9.04 -1.25
N LYS B 352 -16.44 8.52 -0.78
CA LYS B 352 -15.41 9.35 -0.17
C LYS B 352 -14.15 9.27 -1.03
N PRO B 353 -13.91 10.24 -1.94
CA PRO B 353 -12.77 10.17 -2.85
C PRO B 353 -11.41 9.91 -2.19
N THR B 354 -11.22 10.32 -0.93
CA THR B 354 -9.89 10.17 -0.38
C THR B 354 -9.49 8.69 -0.24
N THR B 355 -10.46 7.77 -0.23
CA THR B 355 -10.13 6.35 -0.07
C THR B 355 -10.46 5.55 -1.33
N PHE B 356 -10.63 6.24 -2.46
CA PHE B 356 -10.84 5.50 -3.70
C PHE B 356 -9.63 4.66 -4.10
N TYR B 357 -8.40 5.22 -3.97
CA TYR B 357 -7.21 4.60 -4.53
C TYR B 357 -6.23 4.22 -3.43
N GLY B 358 -5.97 2.91 -3.31
CA GLY B 358 -4.95 2.43 -2.38
C GLY B 358 -5.49 2.27 -0.96
N GLY B 359 -4.72 1.61 -0.10
CA GLY B 359 -5.13 1.50 1.29
C GLY B 359 -5.71 0.12 1.59
N GLY B 360 -6.70 0.08 2.50
CA GLY B 360 -7.13 -1.18 3.08
C GLY B 360 -8.66 -1.23 3.13
N GLU B 361 -9.23 -1.72 4.24
CA GLU B 361 -10.66 -1.95 4.34
C GLU B 361 -11.39 -0.60 4.34
N LYS B 362 -10.75 0.43 4.91
CA LYS B 362 -11.43 1.72 5.06
C LYS B 362 -11.75 2.34 3.70
N GLY B 363 -13.04 2.68 3.51
CA GLY B 363 -13.53 3.19 2.23
C GLY B 363 -13.53 2.14 1.12
N TYR B 364 -13.57 0.85 1.50
CA TYR B 364 -13.47 -0.21 0.48
C TYR B 364 -14.54 -1.27 0.79
N THR B 365 -14.41 -1.94 1.95
CA THR B 365 -15.37 -2.97 2.37
C THR B 365 -16.25 -2.49 3.54
N ASP B 366 -16.10 -1.24 4.02
CA ASP B 366 -16.80 -0.83 5.24
C ASP B 366 -17.90 0.20 4.93
N TYR B 367 -18.27 0.35 3.65
CA TYR B 367 -19.50 1.08 3.39
C TYR B 367 -20.70 0.20 3.76
N PRO B 368 -21.66 0.71 4.55
CA PRO B 368 -22.69 -0.14 5.11
C PRO B 368 -23.80 -0.53 4.13
N PHE B 369 -24.37 -1.69 4.41
CA PHE B 369 -25.57 -2.16 3.76
C PHE B 369 -26.78 -1.46 4.37
N LEU B 370 -27.88 -1.44 3.61
CA LEU B 370 -29.11 -0.89 4.11
C LEU B 370 -29.58 -1.71 5.33
N1 FMN C . 12.21 5.34 21.44
C2 FMN C . 12.80 4.25 20.91
O2 FMN C . 12.51 3.90 19.73
N3 FMN C . 13.73 3.50 21.63
C4 FMN C . 14.08 3.84 22.92
O4 FMN C . 14.88 3.12 23.54
C4A FMN C . 13.49 5.01 23.47
N5 FMN C . 13.87 5.40 24.68
C5A FMN C . 13.13 6.41 25.25
C6 FMN C . 13.42 6.75 26.59
C7 FMN C . 12.68 7.69 27.26
C7M FMN C . 12.98 7.97 28.72
C8 FMN C . 11.65 8.40 26.58
C8M FMN C . 10.84 9.45 27.31
C9 FMN C . 11.43 8.16 25.23
C9A FMN C . 12.13 7.13 24.56
N10 FMN C . 11.88 6.78 23.23
C10 FMN C . 12.48 5.68 22.68
C1' FMN C . 10.73 7.37 22.53
C2' FMN C . 9.45 6.66 23.06
O2' FMN C . 9.41 5.26 22.73
C3' FMN C . 8.13 7.27 22.58
O3' FMN C . 8.17 7.15 21.15
C4' FMN C . 8.00 8.75 22.91
O4' FMN C . 8.27 8.97 24.29
C5' FMN C . 6.63 9.29 22.53
O5' FMN C . 5.53 8.52 23.09
P FMN C . 4.82 9.01 24.47
O1P FMN C . 5.87 9.03 25.55
O2P FMN C . 4.26 10.38 24.17
O3P FMN C . 3.74 7.94 24.70
C1 EDO D . 37.72 13.44 34.26
O1 EDO D . 37.33 14.72 33.78
C2 EDO D . 36.68 12.71 35.05
O2 EDO D . 35.37 13.33 35.08
CL CL E . 15.59 6.02 20.90
N1 FMN F . -13.06 3.06 -15.96
C2 FMN F . -12.51 1.95 -16.53
O2 FMN F . -12.80 1.67 -17.72
N3 FMN F . -11.65 1.10 -15.85
C4 FMN F . -11.24 1.41 -14.56
O4 FMN F . -10.49 0.63 -13.95
C4A FMN F . -11.77 2.61 -13.96
N5 FMN F . -11.39 2.93 -12.72
C5A FMN F . -12.07 3.95 -12.11
C6 FMN F . -11.73 4.25 -10.77
C7 FMN F . -12.42 5.23 -10.06
C7M FMN F . -12.16 5.48 -8.58
C8 FMN F . -13.43 6.00 -10.71
C8M FMN F . -14.15 7.11 -9.95
C9 FMN F . -13.66 5.81 -12.07
C9A FMN F . -13.04 4.75 -12.76
N10 FMN F . -13.32 4.45 -14.11
C10 FMN F . -12.77 3.33 -14.71
C1' FMN F . -14.43 5.15 -14.75
C2' FMN F . -15.74 4.51 -14.25
O2' FMN F . -15.90 3.12 -14.69
C3' FMN F . -16.99 5.24 -14.75
O3' FMN F . -17.07 5.10 -16.18
C4' FMN F . -17.04 6.72 -14.40
O4' FMN F . -16.78 6.83 -12.97
C5' FMN F . -18.39 7.32 -14.75
O5' FMN F . -19.50 6.56 -14.17
P FMN F . -20.22 7.07 -12.80
O1P FMN F . -21.32 6.05 -12.63
O2P FMN F . -20.71 8.48 -13.05
O3P FMN F . -19.16 6.99 -11.71
C1 EDO G . 5.88 -5.49 -26.52
O1 EDO G . 6.12 -6.16 -25.31
C2 EDO G . 6.87 -4.43 -26.76
O2 EDO G . 7.92 -4.33 -25.80
NA NA H . -13.18 12.03 0.84
CL CL I . -9.76 3.67 -16.58
#